data_2W94
#
_entry.id   2W94
#
_cell.length_a   72.530
_cell.length_b   274.371
_cell.length_c   85.928
_cell.angle_alpha   90.00
_cell.angle_beta   90.00
_cell.angle_gamma   90.00
#
_symmetry.space_group_name_H-M   'C 2 2 21'
#
loop_
_entity.id
_entity.type
_entity.pdbx_description
1 polymer 'DISCOIDIN-1 SUBUNIT A'
2 non-polymer (4S)-2-METHYL-2,4-PENTANEDIOL
3 non-polymer 'SULFATE ION'
4 non-polymer 'CALCIUM ION'
5 non-polymer 'NICKEL (II) ION'
6 non-polymer (4R)-2-METHYLPENTANE-2,4-DIOL
7 water water
#
_entity_poly.entity_id   1
_entity_poly.type   'polypeptide(L)'
_entity_poly.pdbx_seq_one_letter_code
;AMSTQGLVQLLANAQCHLRTSTNYNGVHTQFNSALNYKNNGTNTIDGSEAWCSSIVDTNQYIVAGCEVPRTFMCVALQGR
GDADQWVTSYKIRYSLDNVSWFEYRNGAAVTGVTDRNTVVNHFFDTPIRARSIAIHPLTWNGHISLRCEFYTQPVQSSVT
QVGADIYTGDNCALNTGSGKREVVVPVKFQFEFATLPKVALNFDQIDCTDATNQTRIGVQPRNITTKGFDCVFYTWNENK
VYSLRADYIATALE
;
_entity_poly.pdbx_strand_id   A,B,C
#
# COMPACT_ATOMS: atom_id res chain seq x y z
N ALA A 1 -22.08 0.19 18.64
CA ALA A 1 -20.96 1.16 18.80
C ALA A 1 -19.86 0.62 19.72
N MET A 2 -20.21 0.12 20.91
CA MET A 2 -19.21 -0.53 21.76
C MET A 2 -18.68 -1.82 21.12
N SER A 3 -19.57 -2.55 20.50
CA SER A 3 -19.24 -3.84 19.94
C SER A 3 -18.12 -3.75 18.88
N THR A 4 -17.92 -2.56 18.32
CA THR A 4 -16.89 -2.39 17.28
C THR A 4 -15.79 -1.38 17.69
N GLN A 5 -15.72 -1.07 18.96
CA GLN A 5 -14.69 -0.16 19.48
C GLN A 5 -13.30 -0.62 18.98
N GLY A 6 -12.48 0.32 18.53
CA GLY A 6 -11.11 0.03 18.15
C GLY A 6 -10.92 -0.41 16.71
N LEU A 7 -12.02 -0.65 16.01
CA LEU A 7 -11.93 -1.16 14.65
C LEU A 7 -12.05 -0.01 13.68
N VAL A 8 -11.53 -0.18 12.46
CA VAL A 8 -11.59 0.88 11.45
C VAL A 8 -12.97 0.82 10.76
N GLN A 9 -13.62 1.98 10.69
CA GLN A 9 -14.89 2.16 9.95
C GLN A 9 -14.54 2.56 8.51
N LEU A 10 -14.55 1.61 7.57
CA LEU A 10 -13.95 1.81 6.23
C LEU A 10 -14.62 2.95 5.46
N LEU A 11 -15.95 2.92 5.36
CA LEU A 11 -16.70 3.92 4.57
C LEU A 11 -16.63 5.29 5.22
N ALA A 12 -16.73 5.35 6.55
CA ALA A 12 -16.64 6.57 7.24
C ALA A 12 -15.31 7.27 7.02
N ASN A 13 -14.25 6.49 6.93
CA ASN A 13 -12.89 7.03 6.81
C ASN A 13 -12.49 7.15 5.38
N ALA A 14 -13.43 6.81 4.46
CA ALA A 14 -13.18 6.83 3.00
C ALA A 14 -11.97 6.00 2.59
N GLN A 15 -11.87 4.78 3.17
CA GLN A 15 -10.76 3.91 2.94
C GLN A 15 -10.97 2.84 1.87
N CYS A 16 -12.16 2.81 1.22
CA CYS A 16 -12.45 1.90 0.11
C CYS A 16 -13.07 2.67 -1.02
N HIS A 17 -12.95 2.12 -2.24
CA HIS A 17 -13.72 2.55 -3.36
C HIS A 17 -15.03 1.76 -3.33
N LEU A 18 -16.11 2.41 -3.74
CA LEU A 18 -17.41 1.73 -3.80
C LEU A 18 -17.95 1.67 -5.24
N ARG A 19 -18.24 0.47 -5.71
CA ARG A 19 -18.90 0.30 -6.98
C ARG A 19 -20.27 -0.42 -6.73
N THR A 20 -21.29 0.02 -7.43
CA THR A 20 -22.61 -0.60 -7.34
C THR A 20 -22.97 -1.20 -8.68
N SER A 21 -23.82 -2.21 -8.65
CA SER A 21 -24.35 -2.84 -9.82
C SER A 21 -25.20 -1.85 -10.62
N THR A 22 -26.09 -1.13 -9.95
CA THR A 22 -26.96 -0.06 -10.58
C THR A 22 -27.38 0.93 -9.50
N ASN A 23 -27.71 2.17 -9.91
CA ASN A 23 -28.18 3.19 -9.03
C ASN A 23 -29.54 3.66 -9.58
N TYR A 24 -30.55 3.76 -8.72
CA TYR A 24 -31.89 4.19 -9.11
C TYR A 24 -31.86 5.44 -9.99
N ASN A 25 -31.18 6.44 -9.49
CA ASN A 25 -30.75 7.58 -10.29
C ASN A 25 -29.56 8.24 -9.56
N GLY A 26 -29.19 9.45 -10.00
CA GLY A 26 -27.99 10.10 -9.56
C GLY A 26 -28.01 10.64 -8.15
N VAL A 27 -29.17 10.57 -7.49
CA VAL A 27 -29.27 10.96 -6.10
C VAL A 27 -29.66 9.77 -5.20
N HIS A 28 -29.45 8.57 -5.71
CA HIS A 28 -29.65 7.35 -4.94
C HIS A 28 -28.39 6.46 -4.95
N THR A 29 -27.23 7.09 -5.09
CA THR A 29 -26.01 6.36 -5.38
C THR A 29 -25.27 5.97 -4.13
N GLN A 30 -24.12 5.34 -4.34
CA GLN A 30 -23.21 5.03 -3.25
C GLN A 30 -22.69 6.23 -2.49
N PHE A 31 -22.89 7.44 -2.99
CA PHE A 31 -22.53 8.60 -2.22
C PHE A 31 -23.39 8.67 -0.98
N ASN A 32 -24.48 7.93 -0.97
CA ASN A 32 -25.48 8.05 0.13
C ASN A 32 -25.49 6.82 1.04
N SER A 33 -24.45 6.00 0.91
CA SER A 33 -24.41 4.66 1.51
C SER A 33 -23.85 4.50 2.90
N ALA A 34 -23.19 5.52 3.45
CA ALA A 34 -22.53 5.36 4.81
C ALA A 34 -23.58 5.12 5.88
N LEU A 35 -23.28 4.22 6.82
CA LEU A 35 -24.11 4.06 7.99
C LEU A 35 -24.48 5.42 8.60
N ASN A 36 -25.76 5.59 8.92
CA ASN A 36 -26.30 6.82 9.49
C ASN A 36 -26.21 8.05 8.62
N TYR A 37 -25.99 7.87 7.32
CA TYR A 37 -26.08 8.99 6.36
C TYR A 37 -27.51 9.58 6.50
N LYS A 38 -27.56 10.90 6.56
CA LYS A 38 -28.82 11.64 6.63
C LYS A 38 -28.66 12.86 5.77
N ASN A 39 -29.76 13.26 5.13
CA ASN A 39 -29.66 14.35 4.16
C ASN A 39 -30.69 15.42 4.45
N ASN A 40 -30.97 16.27 3.46
CA ASN A 40 -31.84 17.40 3.71
C ASN A 40 -33.29 16.88 3.63
N GLY A 41 -33.94 16.83 4.77
CA GLY A 41 -35.22 16.17 4.78
C GLY A 41 -36.32 17.14 4.33
N THR A 42 -35.98 18.39 4.13
CA THR A 42 -36.96 19.37 3.58
C THR A 42 -36.95 19.51 2.05
N ASN A 43 -35.88 19.09 1.41
CA ASN A 43 -35.71 19.26 0.00
C ASN A 43 -35.66 17.86 -0.58
N THR A 44 -36.48 17.58 -1.58
CA THR A 44 -36.52 16.27 -2.20
C THR A 44 -35.36 15.98 -3.17
N ILE A 45 -34.72 17.04 -3.67
CA ILE A 45 -33.81 16.93 -4.82
C ILE A 45 -32.50 16.20 -4.51
N ASP A 46 -32.16 16.05 -3.22
CA ASP A 46 -30.91 15.36 -2.85
C ASP A 46 -31.08 13.88 -2.62
N GLY A 47 -32.29 13.41 -2.85
CA GLY A 47 -32.55 11.94 -2.91
C GLY A 47 -32.66 11.19 -1.61
N SER A 48 -32.20 9.95 -1.63
CA SER A 48 -32.51 8.96 -0.60
C SER A 48 -31.42 8.89 0.45
N GLU A 49 -31.81 8.48 1.65
CA GLU A 49 -30.84 8.22 2.72
C GLU A 49 -30.45 6.75 2.61
N ALA A 50 -29.77 6.43 1.51
CA ALA A 50 -29.36 5.05 1.20
C ALA A 50 -28.85 5.03 -0.23
N TRP A 51 -28.05 4.00 -0.57
CA TRP A 51 -27.91 3.52 -1.93
C TRP A 51 -29.16 2.74 -2.26
N CYS A 52 -29.74 3.02 -3.43
CA CYS A 52 -30.87 2.27 -3.97
C CYS A 52 -30.60 1.84 -5.39
N SER A 53 -30.87 0.57 -5.68
CA SER A 53 -30.59 0.00 -6.99
C SER A 53 -31.62 0.48 -8.00
N SER A 54 -31.29 0.31 -9.26
CA SER A 54 -32.23 0.53 -10.36
C SER A 54 -32.97 -0.75 -10.78
N ILE A 55 -32.23 -1.82 -10.99
CA ILE A 55 -32.82 -3.12 -11.25
C ILE A 55 -33.12 -3.75 -9.90
N VAL A 56 -34.35 -4.22 -9.73
CA VAL A 56 -34.75 -4.92 -8.53
C VAL A 56 -34.80 -6.45 -8.78
N ASP A 57 -33.69 -7.12 -8.50
CA ASP A 57 -33.59 -8.57 -8.62
C ASP A 57 -32.46 -9.04 -7.70
N THR A 58 -32.13 -10.32 -7.77
CA THR A 58 -31.18 -10.88 -6.84
C THR A 58 -29.73 -10.71 -7.28
N ASN A 59 -29.53 -10.04 -8.41
CA ASN A 59 -28.22 -9.84 -8.96
C ASN A 59 -27.57 -8.51 -8.62
N GLN A 60 -28.09 -7.77 -7.64
CA GLN A 60 -27.55 -6.43 -7.33
C GLN A 60 -26.49 -6.52 -6.23
N TYR A 61 -25.65 -5.50 -6.11
CA TYR A 61 -24.58 -5.57 -5.15
C TYR A 61 -23.91 -4.23 -4.99
N ILE A 62 -23.29 -4.05 -3.82
CA ILE A 62 -22.35 -2.97 -3.57
C ILE A 62 -21.02 -3.62 -3.16
N VAL A 63 -19.95 -3.17 -3.82
CA VAL A 63 -18.60 -3.72 -3.66
C VAL A 63 -17.72 -2.60 -3.08
N ALA A 64 -17.01 -2.94 -2.02
CA ALA A 64 -16.04 -2.07 -1.41
C ALA A 64 -14.66 -2.65 -1.70
N GLY A 65 -13.78 -1.82 -2.24
CA GLY A 65 -12.47 -2.26 -2.76
C GLY A 65 -11.36 -1.55 -1.98
N CYS A 66 -10.52 -2.35 -1.31
CA CYS A 66 -9.30 -1.85 -0.66
C CYS A 66 -8.05 -2.38 -1.39
N GLU A 67 -7.06 -1.53 -1.65
CA GLU A 67 -5.84 -1.96 -2.31
C GLU A 67 -4.89 -2.71 -1.32
N VAL A 68 -4.97 -2.35 -0.08
CA VAL A 68 -4.18 -2.97 1.00
C VAL A 68 -5.05 -4.00 1.70
N PRO A 69 -4.56 -5.25 1.83
CA PRO A 69 -5.40 -6.27 2.44
C PRO A 69 -5.79 -5.91 3.87
N ARG A 70 -7.01 -6.31 4.25
CA ARG A 70 -7.52 -5.99 5.59
C ARG A 70 -8.08 -7.25 6.21
N THR A 71 -8.20 -7.27 7.54
CA THR A 71 -8.93 -8.31 8.26
C THR A 71 -10.30 -7.79 8.65
N PHE A 72 -11.30 -8.26 7.93
CA PHE A 72 -12.69 -7.81 8.11
C PHE A 72 -13.32 -8.62 9.24
N MET A 73 -13.80 -7.89 10.23
CA MET A 73 -14.39 -8.48 11.44
C MET A 73 -15.91 -8.54 11.31
N CYS A 74 -16.51 -7.49 10.73
CA CYS A 74 -17.94 -7.23 10.86
C CYS A 74 -18.44 -6.45 9.66
N VAL A 75 -19.70 -6.71 9.30
CA VAL A 75 -20.43 -5.90 8.31
C VAL A 75 -21.69 -5.44 9.03
N ALA A 76 -22.02 -4.16 8.90
CA ALA A 76 -23.23 -3.59 9.53
C ALA A 76 -24.15 -3.19 8.41
N LEU A 77 -25.44 -3.52 8.55
CA LEU A 77 -26.43 -3.20 7.56
C LEU A 77 -27.48 -2.32 8.27
N GLN A 78 -28.04 -1.36 7.50
CA GLN A 78 -29.04 -0.42 7.96
C GLN A 78 -29.97 -0.17 6.79
N GLY A 79 -31.25 0.09 7.08
CA GLY A 79 -32.22 0.35 6.04
C GLY A 79 -32.15 1.79 5.58
N ARG A 80 -33.07 2.16 4.69
CA ARG A 80 -33.15 3.52 4.16
C ARG A 80 -33.73 4.49 5.16
N GLY A 81 -33.07 5.60 5.39
CA GLY A 81 -33.48 6.54 6.44
C GLY A 81 -34.89 7.16 6.24
N ASP A 82 -35.25 7.42 4.98
CA ASP A 82 -36.37 8.32 4.69
C ASP A 82 -37.59 7.66 4.13
N ALA A 83 -37.56 6.34 3.98
CA ALA A 83 -38.65 5.58 3.40
C ALA A 83 -38.54 4.16 3.86
N ASP A 84 -39.68 3.48 3.94
CA ASP A 84 -39.72 2.08 4.41
C ASP A 84 -39.17 1.02 3.42
N GLN A 85 -37.87 1.10 3.16
CA GLN A 85 -37.19 0.17 2.30
C GLN A 85 -35.91 -0.31 3.01
N TRP A 86 -35.72 -1.62 3.00
CA TRP A 86 -34.56 -2.22 3.68
C TRP A 86 -34.29 -3.62 3.16
N VAL A 87 -33.06 -4.08 3.38
CA VAL A 87 -32.64 -5.40 2.97
C VAL A 87 -32.74 -6.38 4.14
N THR A 88 -33.52 -7.47 3.95
CA THR A 88 -33.83 -8.38 5.04
C THR A 88 -32.89 -9.59 5.15
N SER A 89 -32.26 -9.95 4.04
CA SER A 89 -31.18 -10.93 4.06
C SER A 89 -30.24 -10.68 2.87
N TYR A 90 -29.00 -11.09 3.04
CA TYR A 90 -28.01 -10.87 1.96
C TYR A 90 -26.93 -11.91 2.04
N LYS A 91 -26.18 -12.01 0.97
CA LYS A 91 -24.98 -12.84 1.01
C LYS A 91 -23.72 -11.98 0.85
N ILE A 92 -22.61 -12.52 1.32
CA ILE A 92 -21.33 -11.79 1.29
C ILE A 92 -20.36 -12.54 0.45
N ARG A 93 -19.63 -11.84 -0.40
CA ARG A 93 -18.62 -12.43 -1.28
C ARG A 93 -17.36 -11.56 -1.14
N TYR A 94 -16.18 -12.13 -1.36
CA TYR A 94 -14.93 -11.39 -1.15
C TYR A 94 -13.81 -11.98 -1.98
N SER A 95 -12.70 -11.24 -2.05
CA SER A 95 -11.52 -11.68 -2.74
C SER A 95 -10.32 -11.07 -2.06
N LEU A 96 -9.28 -11.88 -1.91
CA LEU A 96 -7.99 -11.39 -1.47
C LEU A 96 -7.07 -10.97 -2.61
N ASP A 97 -6.95 -11.80 -3.64
CA ASP A 97 -6.04 -11.49 -4.77
C ASP A 97 -6.68 -10.70 -5.89
N ASN A 98 -7.99 -10.51 -5.80
CA ASN A 98 -8.76 -9.82 -6.86
C ASN A 98 -8.77 -10.58 -8.19
N VAL A 99 -8.49 -11.88 -8.15
CA VAL A 99 -8.63 -12.76 -9.30
C VAL A 99 -9.72 -13.82 -9.04
N SER A 100 -9.59 -14.51 -7.91
CA SER A 100 -10.59 -15.47 -7.44
C SER A 100 -11.42 -14.88 -6.34
N TRP A 101 -12.74 -15.12 -6.42
CA TRP A 101 -13.72 -14.64 -5.45
C TRP A 101 -14.34 -15.83 -4.73
N PHE A 102 -14.73 -15.64 -3.49
CA PHE A 102 -15.31 -16.71 -2.67
C PHE A 102 -16.61 -16.22 -2.04
N GLU A 103 -17.51 -17.17 -1.78
CA GLU A 103 -18.76 -16.87 -1.08
C GLU A 103 -18.65 -17.18 0.42
N TYR A 104 -18.89 -16.19 1.26
CA TYR A 104 -18.99 -16.44 2.66
C TYR A 104 -20.08 -17.50 2.92
N ARG A 105 -19.80 -18.46 3.80
CA ARG A 105 -20.79 -19.49 4.12
C ARG A 105 -21.29 -20.23 2.89
N ASN A 106 -20.44 -20.34 1.89
CA ASN A 106 -20.79 -20.94 0.61
C ASN A 106 -22.05 -20.33 -0.02
N GLY A 107 -22.33 -19.10 0.33
CA GLY A 107 -23.43 -18.36 -0.31
C GLY A 107 -24.72 -18.39 0.45
N ALA A 108 -24.71 -18.97 1.66
CA ALA A 108 -25.88 -18.94 2.52
C ALA A 108 -26.20 -17.52 3.00
N ALA A 109 -27.47 -17.32 3.31
CA ALA A 109 -27.95 -15.98 3.59
C ALA A 109 -27.51 -15.56 4.95
N VAL A 110 -27.26 -14.29 5.07
CA VAL A 110 -26.92 -13.65 6.30
C VAL A 110 -28.12 -12.75 6.63
N THR A 111 -28.45 -12.68 7.91
CA THR A 111 -29.62 -11.92 8.40
C THR A 111 -29.39 -10.41 8.37
N GLY A 112 -30.35 -9.73 7.73
CA GLY A 112 -30.35 -8.30 7.59
C GLY A 112 -31.17 -7.53 8.60
N VAL A 113 -31.82 -6.47 8.13
CA VAL A 113 -32.48 -5.53 9.03
C VAL A 113 -34.01 -5.70 8.91
N THR A 114 -34.74 -5.05 9.81
CA THR A 114 -36.20 -5.19 9.88
C THR A 114 -36.92 -3.84 9.93
N ASP A 115 -36.17 -2.76 9.72
CA ASP A 115 -36.70 -1.41 9.83
C ASP A 115 -35.74 -0.41 9.17
N ARG A 116 -35.99 0.88 9.31
CA ARG A 116 -35.20 1.90 8.62
C ARG A 116 -33.83 2.16 9.24
N ASN A 117 -33.79 2.31 10.58
CA ASN A 117 -32.61 2.84 11.26
C ASN A 117 -31.85 1.93 12.24
N THR A 118 -32.44 0.82 12.63
CA THR A 118 -31.78 -0.09 13.59
C THR A 118 -30.70 -0.93 12.88
N VAL A 119 -29.45 -0.62 13.20
CA VAL A 119 -28.29 -1.27 12.57
C VAL A 119 -28.22 -2.72 13.06
N VAL A 120 -27.97 -3.68 12.17
CA VAL A 120 -27.71 -5.06 12.56
C VAL A 120 -26.28 -5.41 12.11
N ASN A 121 -25.42 -5.65 13.10
CA ASN A 121 -24.04 -6.10 12.88
C ASN A 121 -23.97 -7.61 12.67
N HIS A 122 -23.17 -8.01 11.71
CA HIS A 122 -22.79 -9.40 11.58
C HIS A 122 -21.27 -9.53 11.64
N PHE A 123 -20.81 -10.15 12.72
CA PHE A 123 -19.40 -10.52 12.83
C PHE A 123 -19.22 -11.85 12.14
N PHE A 124 -18.24 -11.91 11.24
CA PHE A 124 -18.09 -13.02 10.38
C PHE A 124 -17.68 -14.16 11.25
N ASP A 125 -18.16 -15.35 10.90
CA ASP A 125 -17.84 -16.56 11.66
C ASP A 125 -16.36 -16.67 12.00
N THR A 126 -15.50 -16.58 10.98
CA THR A 126 -14.10 -16.25 11.16
C THR A 126 -13.78 -14.93 10.47
N PRO A 127 -12.89 -14.13 11.05
CA PRO A 127 -12.52 -12.93 10.34
C PRO A 127 -12.02 -13.22 8.93
N ILE A 128 -12.34 -12.33 7.98
CA ILE A 128 -12.05 -12.49 6.57
C ILE A 128 -10.87 -11.63 6.11
N ARG A 129 -9.80 -12.27 5.63
CA ARG A 129 -8.68 -11.52 5.03
C ARG A 129 -9.00 -11.28 3.54
N ALA A 130 -9.11 -10.01 3.17
CA ALA A 130 -9.56 -9.62 1.83
C ALA A 130 -9.10 -8.26 1.39
N ARG A 131 -9.15 -8.05 0.08
CA ARG A 131 -9.02 -6.73 -0.51
C ARG A 131 -10.39 -6.13 -0.89
N SER A 132 -11.27 -6.94 -1.47
CA SER A 132 -12.60 -6.48 -1.91
C SER A 132 -13.67 -7.39 -1.31
N ILE A 133 -14.79 -6.78 -0.95
CA ILE A 133 -15.89 -7.51 -0.36
C ILE A 133 -17.19 -6.93 -0.88
N ALA A 134 -18.22 -7.78 -1.05
CA ALA A 134 -19.46 -7.33 -1.64
C ALA A 134 -20.66 -7.80 -0.84
N ILE A 135 -21.66 -6.92 -0.77
CA ILE A 135 -22.99 -7.21 -0.13
C ILE A 135 -23.90 -7.44 -1.33
N HIS A 136 -24.46 -8.66 -1.40
CA HIS A 136 -25.43 -9.08 -2.38
C HIS A 136 -26.80 -9.30 -1.76
N PRO A 137 -27.70 -8.31 -1.88
CA PRO A 137 -29.08 -8.48 -1.32
C PRO A 137 -29.80 -9.69 -1.90
N LEU A 138 -30.42 -10.45 -1.01
CA LEU A 138 -31.18 -11.65 -1.42
C LEU A 138 -32.69 -11.48 -1.26
N THR A 139 -33.09 -10.80 -0.21
CA THR A 139 -34.50 -10.45 0.05
C THR A 139 -34.60 -9.03 0.60
N TRP A 140 -35.73 -8.38 0.35
CA TRP A 140 -35.90 -7.00 0.69
C TRP A 140 -37.38 -6.65 0.97
N ASN A 141 -37.56 -5.56 1.71
CA ASN A 141 -38.85 -4.94 1.93
C ASN A 141 -38.90 -3.65 1.11
N GLY A 142 -39.81 -3.60 0.13
CA GLY A 142 -40.09 -2.39 -0.67
C GLY A 142 -39.21 -2.18 -1.88
N HIS A 143 -37.91 -2.10 -1.63
CA HIS A 143 -36.93 -1.86 -2.67
C HIS A 143 -35.53 -2.28 -2.18
N ILE A 144 -34.57 -2.40 -3.09
CA ILE A 144 -33.18 -2.75 -2.67
C ILE A 144 -32.53 -1.43 -2.30
N SER A 145 -32.54 -1.13 -1.00
CA SER A 145 -32.05 0.13 -0.43
C SER A 145 -31.31 -0.13 0.87
N LEU A 146 -30.11 0.41 0.99
CA LEU A 146 -29.33 0.16 2.24
C LEU A 146 -28.30 1.26 2.56
N ARG A 147 -27.92 1.31 3.83
CA ARG A 147 -26.67 1.99 4.24
C ARG A 147 -25.85 0.88 4.95
N CYS A 148 -24.55 1.05 5.00
CA CYS A 148 -23.70 -0.03 5.51
C CYS A 148 -22.35 0.48 5.98
N GLU A 149 -21.64 -0.40 6.65
CA GLU A 149 -20.28 -0.16 7.04
C GLU A 149 -19.57 -1.50 7.13
N PHE A 150 -18.27 -1.47 6.89
CA PHE A 150 -17.36 -2.62 7.14
C PHE A 150 -16.35 -2.20 8.19
N TYR A 151 -16.09 -3.10 9.16
CA TYR A 151 -15.18 -2.87 10.27
C TYR A 151 -13.97 -3.77 10.14
N THR A 152 -12.80 -3.18 10.07
CA THR A 152 -11.56 -3.97 9.96
C THR A 152 -10.57 -3.68 11.09
N GLN A 153 -9.68 -4.63 11.33
CA GLN A 153 -8.54 -4.36 12.18
C GLN A 153 -7.73 -3.20 11.62
N PRO A 154 -7.14 -2.37 12.48
CA PRO A 154 -6.18 -1.38 12.01
C PRO A 154 -5.09 -2.04 11.21
N VAL A 155 -4.63 -1.34 10.17
CA VAL A 155 -3.52 -1.81 9.33
C VAL A 155 -2.23 -1.06 9.73
N GLN A 156 -1.11 -1.75 9.60
CA GLN A 156 0.19 -1.05 9.58
C GLN A 156 0.84 -1.14 8.21
N SER A 157 1.53 -0.06 7.88
CA SER A 157 2.24 0.04 6.61
C SER A 157 3.73 0.24 6.95
N SER A 158 4.57 -0.43 6.21
CA SER A 158 6.01 -0.28 6.33
C SER A 158 6.59 0.08 4.96
N VAL A 159 7.72 0.79 4.97
CA VAL A 159 8.49 0.98 3.76
C VAL A 159 9.92 0.54 4.13
N THR A 160 10.53 -0.26 3.26
CA THR A 160 11.83 -0.91 3.49
C THR A 160 12.81 -0.59 2.38
N GLN A 161 14.05 -0.34 2.75
CA GLN A 161 15.14 -0.13 1.82
C GLN A 161 16.27 -1.08 2.20
N VAL A 162 16.74 -1.83 1.21
CA VAL A 162 17.87 -2.74 1.35
C VAL A 162 19.04 -2.08 0.63
N GLY A 163 20.19 -2.04 1.31
CA GLY A 163 21.41 -1.57 0.69
C GLY A 163 22.50 -2.61 0.88
N ALA A 164 23.25 -2.88 -0.19
CA ALA A 164 24.20 -3.95 -0.18
C ALA A 164 25.65 -3.48 -0.15
N ASP A 165 26.44 -4.26 0.56
CA ASP A 165 27.91 -4.25 0.44
C ASP A 165 28.64 -2.99 0.93
N ILE A 166 28.28 -2.55 2.12
CA ILE A 166 28.97 -1.47 2.79
C ILE A 166 30.30 -2.07 3.27
N TYR A 167 31.42 -1.46 2.91
CA TYR A 167 32.71 -2.09 3.06
C TYR A 167 33.75 -1.21 3.72
N THR A 168 34.57 -1.80 4.60
CA THR A 168 35.64 -1.07 5.25
C THR A 168 36.72 -0.63 4.27
N GLY A 169 36.86 -1.36 3.19
CA GLY A 169 38.07 -1.24 2.36
C GLY A 169 39.05 -2.36 2.74
N ASP A 170 39.94 -2.69 1.82
CA ASP A 170 40.99 -3.68 2.06
C ASP A 170 42.01 -3.13 3.03
N ASN A 171 42.53 -4.01 3.89
CA ASN A 171 43.57 -3.65 4.85
C ASN A 171 43.24 -2.37 5.56
N CYS A 172 42.11 -2.38 6.27
CA CYS A 172 41.52 -1.12 6.71
C CYS A 172 42.14 -0.76 8.05
N ALA A 173 41.76 0.38 8.62
CA ALA A 173 42.42 0.84 9.83
C ALA A 173 42.25 -0.09 11.02
N LEU A 174 41.34 -1.07 10.92
CA LEU A 174 41.13 -2.03 12.02
C LEU A 174 42.26 -3.09 12.05
N ASN A 175 43.12 -3.04 11.05
CA ASN A 175 44.16 -4.05 10.86
C ASN A 175 45.49 -3.62 11.50
N THR A 176 45.48 -2.50 12.22
CA THR A 176 46.59 -2.09 13.04
C THR A 176 46.12 -1.58 14.41
N GLY A 177 47.03 -1.50 15.36
CA GLY A 177 46.69 -0.89 16.64
C GLY A 177 46.02 -1.79 17.65
N SER A 178 45.62 -1.19 18.75
CA SER A 178 45.19 -1.90 19.90
C SER A 178 44.03 -1.14 20.56
N GLY A 179 43.18 -1.83 21.30
CA GLY A 179 42.03 -1.21 21.96
C GLY A 179 40.85 -1.01 21.01
N LYS A 180 39.80 -0.34 21.48
CA LYS A 180 38.61 -0.09 20.64
C LYS A 180 38.99 0.76 19.46
N ARG A 181 38.70 0.24 18.27
CA ARG A 181 38.98 0.93 17.02
C ARG A 181 37.73 0.85 16.12
N GLU A 182 37.46 1.93 15.40
CA GLU A 182 36.32 1.97 14.51
C GLU A 182 36.69 2.48 13.14
N VAL A 183 35.97 1.97 12.14
CA VAL A 183 36.00 2.54 10.81
C VAL A 183 34.55 2.95 10.49
N VAL A 184 34.35 4.20 10.12
CA VAL A 184 33.02 4.73 9.90
C VAL A 184 32.78 4.94 8.40
N VAL A 185 31.72 4.30 7.86
CA VAL A 185 31.37 4.46 6.46
C VAL A 185 29.98 5.12 6.39
N PRO A 186 29.93 6.38 5.97
CA PRO A 186 28.60 6.99 5.89
C PRO A 186 27.76 6.41 4.77
N VAL A 187 26.48 6.16 5.08
CA VAL A 187 25.53 5.58 4.16
C VAL A 187 24.35 6.54 3.95
N LYS A 188 24.04 6.82 2.69
CA LYS A 188 22.83 7.57 2.37
C LYS A 188 21.78 6.67 1.75
N PHE A 189 20.57 6.70 2.29
CA PHE A 189 19.50 5.90 1.71
C PHE A 189 19.18 6.41 0.26
N GLN A 190 18.72 5.52 -0.60
CA GLN A 190 18.36 5.92 -1.98
C GLN A 190 17.28 7.01 -1.99
N PHE A 191 16.30 6.90 -1.08
CA PHE A 191 15.34 7.98 -0.84
C PHE A 191 15.14 8.24 0.67
N GLU A 192 14.73 9.46 1.00
CA GLU A 192 14.50 9.85 2.37
C GLU A 192 13.20 9.22 2.90
N PHE A 193 13.29 8.43 3.97
CA PHE A 193 12.11 7.93 4.66
C PHE A 193 11.21 9.06 5.20
N ALA A 194 9.92 8.78 5.29
CA ALA A 194 8.96 9.73 5.82
C ALA A 194 9.03 9.89 7.31
N THR A 195 9.49 8.85 8.00
CA THR A 195 9.66 8.82 9.44
C THR A 195 10.94 7.99 9.73
N LEU A 196 11.45 8.11 10.94
CA LEU A 196 12.72 7.46 11.30
C LEU A 196 12.70 5.94 11.13
N PRO A 197 13.68 5.36 10.39
CA PRO A 197 13.69 3.94 10.25
C PRO A 197 14.43 3.23 11.39
N LYS A 198 14.12 1.96 11.59
CA LYS A 198 14.97 1.04 12.32
C LYS A 198 15.88 0.30 11.33
N VAL A 199 17.11 -0.04 11.74
CA VAL A 199 18.12 -0.52 10.76
C VAL A 199 18.78 -1.78 11.26
N ALA A 200 18.68 -2.86 10.47
CA ALA A 200 19.44 -4.07 10.68
C ALA A 200 20.68 -3.95 9.82
N LEU A 201 21.83 -4.38 10.37
CA LEU A 201 23.10 -4.22 9.66
C LEU A 201 24.04 -5.35 10.08
N ASN A 202 24.32 -6.22 9.11
CA ASN A 202 24.79 -7.59 9.39
C ASN A 202 25.88 -8.02 8.46
N PHE A 203 26.75 -8.95 8.88
CA PHE A 203 27.95 -9.23 8.10
C PHE A 203 27.66 -10.10 6.88
N ASP A 204 28.36 -9.86 5.78
CA ASP A 204 28.38 -10.79 4.68
C ASP A 204 29.80 -11.17 4.23
N GLN A 205 30.84 -10.46 4.71
CA GLN A 205 32.24 -10.87 4.38
C GLN A 205 33.13 -10.53 5.57
N ILE A 206 33.87 -11.54 6.07
CA ILE A 206 34.76 -11.33 7.22
C ILE A 206 36.18 -11.77 6.87
N ASP A 207 37.16 -10.92 7.17
CA ASP A 207 38.58 -11.21 6.90
C ASP A 207 39.34 -10.70 8.11
N CYS A 208 39.60 -11.57 9.07
CA CYS A 208 40.15 -11.12 10.37
C CYS A 208 41.09 -12.11 11.03
N THR A 209 41.93 -11.58 11.92
CA THR A 209 42.92 -12.42 12.64
C THR A 209 42.47 -12.55 14.09
N ASP A 210 42.57 -13.75 14.67
CA ASP A 210 42.21 -13.93 16.06
C ASP A 210 43.34 -13.39 16.94
N ALA A 211 43.02 -13.09 18.18
CA ALA A 211 43.99 -12.68 19.20
C ALA A 211 43.86 -13.67 20.36
N THR A 212 44.97 -14.35 20.66
CA THR A 212 44.92 -15.44 21.58
C THR A 212 43.65 -16.25 21.42
N ASN A 213 43.41 -16.67 20.17
CA ASN A 213 42.30 -17.52 19.76
C ASN A 213 40.90 -16.90 19.78
N GLN A 214 40.82 -15.61 20.06
CA GLN A 214 39.54 -14.94 20.13
C GLN A 214 39.25 -14.17 18.84
N THR A 215 38.02 -14.29 18.36
CA THR A 215 37.49 -13.38 17.33
C THR A 215 36.70 -12.28 17.99
N ARG A 216 36.95 -11.06 17.57
CA ARG A 216 36.24 -9.89 18.05
C ARG A 216 35.94 -8.96 16.88
N ILE A 217 34.68 -8.94 16.47
CA ILE A 217 34.27 -8.09 15.36
C ILE A 217 32.85 -7.59 15.62
N GLY A 218 32.57 -6.42 15.07
CA GLY A 218 31.21 -5.95 15.12
C GLY A 218 30.91 -4.92 14.08
N VAL A 219 29.63 -4.67 13.86
CA VAL A 219 29.17 -3.62 12.98
C VAL A 219 27.84 -3.08 13.55
N GLN A 220 27.68 -1.76 13.53
CA GLN A 220 26.50 -1.12 14.14
C GLN A 220 26.20 0.20 13.46
N PRO A 221 24.91 0.50 13.26
CA PRO A 221 24.60 1.82 12.73
C PRO A 221 24.69 2.87 13.83
N ARG A 222 25.10 4.06 13.48
CA ARG A 222 25.08 5.20 14.43
C ARG A 222 24.49 6.41 13.72
N ASN A 223 23.84 7.29 14.47
CA ASN A 223 23.22 8.51 13.97
C ASN A 223 22.24 8.22 12.83
N ILE A 224 21.36 7.24 13.02
CA ILE A 224 20.29 7.02 12.08
C ILE A 224 19.37 8.27 11.97
N THR A 225 19.12 8.68 10.75
CA THR A 225 18.17 9.75 10.44
C THR A 225 17.28 9.24 9.33
N THR A 226 16.33 10.07 8.89
CA THR A 226 15.51 9.69 7.76
C THR A 226 16.29 9.57 6.47
N LYS A 227 17.49 10.19 6.43
CA LYS A 227 18.27 10.25 5.21
C LYS A 227 19.37 9.20 5.07
N GLY A 228 19.85 8.68 6.20
CA GLY A 228 20.99 7.79 6.21
C GLY A 228 21.45 7.40 7.59
N PHE A 229 22.67 6.87 7.68
CA PHE A 229 23.21 6.48 8.95
C PHE A 229 24.71 6.31 8.78
N ASP A 230 25.41 6.19 9.91
CA ASP A 230 26.84 5.93 9.88
C ASP A 230 27.02 4.44 10.16
N CYS A 231 27.60 3.73 9.20
CA CYS A 231 27.94 2.30 9.36
C CYS A 231 29.29 2.20 10.05
N VAL A 232 29.28 1.72 11.29
CA VAL A 232 30.47 1.68 12.14
C VAL A 232 30.95 0.23 12.29
N PHE A 233 32.07 -0.05 11.64
CA PHE A 233 32.73 -1.32 11.78
C PHE A 233 33.73 -1.17 12.93
N TYR A 234 33.86 -2.17 13.77
CA TYR A 234 34.76 -2.07 14.88
C TYR A 234 35.35 -3.40 15.37
N THR A 235 36.45 -3.27 16.09
CA THR A 235 37.09 -4.37 16.79
C THR A 235 37.62 -3.82 18.09
N TRP A 236 38.16 -4.66 18.96
CA TRP A 236 38.66 -4.17 20.21
C TRP A 236 39.78 -5.14 20.69
N ASN A 237 40.26 -4.96 21.91
CA ASN A 237 41.43 -5.72 22.37
C ASN A 237 42.58 -5.62 21.35
N GLU A 238 43.32 -6.71 21.12
CA GLU A 238 44.47 -6.70 20.21
C GLU A 238 44.16 -7.20 18.79
N ASN A 239 42.87 -7.44 18.50
CA ASN A 239 42.53 -8.06 17.23
C ASN A 239 42.85 -7.17 16.07
N LYS A 240 43.38 -7.77 15.02
CA LYS A 240 43.66 -7.06 13.77
C LYS A 240 42.62 -7.55 12.76
N VAL A 241 41.84 -6.64 12.21
CA VAL A 241 40.81 -6.98 11.22
C VAL A 241 41.16 -6.38 9.86
N TYR A 242 41.37 -7.24 8.87
CA TYR A 242 41.79 -6.78 7.56
C TYR A 242 40.66 -6.02 6.88
N SER A 243 39.47 -6.61 6.92
CA SER A 243 38.29 -6.01 6.30
C SER A 243 37.01 -6.65 6.77
N LEU A 244 35.93 -5.90 6.63
CA LEU A 244 34.58 -6.43 6.94
C LEU A 244 33.58 -5.81 5.99
N ARG A 245 32.54 -6.56 5.62
CA ARG A 245 31.51 -6.02 4.78
C ARG A 245 30.18 -6.38 5.38
N ALA A 246 29.18 -5.56 5.06
CA ALA A 246 27.85 -5.76 5.61
C ALA A 246 26.80 -5.25 4.63
N ASP A 247 25.59 -5.79 4.74
CA ASP A 247 24.41 -5.29 4.00
C ASP A 247 23.45 -4.76 5.06
N TYR A 248 22.57 -3.82 4.70
CA TYR A 248 21.60 -3.28 5.63
C TYR A 248 20.17 -3.41 5.13
N ILE A 249 19.29 -3.40 6.09
CA ILE A 249 17.85 -3.39 5.86
C ILE A 249 17.28 -2.32 6.80
N ALA A 250 16.73 -1.26 6.21
CA ALA A 250 16.12 -0.20 6.96
C ALA A 250 14.60 -0.17 6.71
N THR A 251 13.80 -0.09 7.78
CA THR A 251 12.34 -0.09 7.67
C THR A 251 11.73 1.01 8.52
N ALA A 252 10.86 1.85 7.92
CA ALA A 252 10.07 2.89 8.64
C ALA A 252 8.58 2.48 8.63
N LEU A 253 7.91 2.72 9.75
CA LEU A 253 6.51 2.34 9.90
C LEU A 253 5.59 3.57 9.80
N GLU A 254 4.43 3.37 9.18
CA GLU A 254 3.33 4.36 9.19
C GLU A 254 3.78 5.71 8.63
N MET B 2 4.07 26.48 -8.34
CA MET B 2 5.50 26.46 -7.90
C MET B 2 5.70 26.35 -6.39
N SER B 3 4.73 26.81 -5.62
CA SER B 3 4.81 26.62 -4.17
C SER B 3 4.68 25.12 -3.83
N THR B 4 3.96 24.41 -4.68
CA THR B 4 3.66 23.02 -4.48
C THR B 4 4.41 22.11 -5.49
N GLN B 5 5.44 22.65 -6.14
CA GLN B 5 6.16 21.87 -7.14
C GLN B 5 6.81 20.66 -6.48
N GLY B 6 6.92 19.56 -7.22
CA GLY B 6 7.34 18.25 -6.67
C GLY B 6 6.36 17.45 -5.84
N LEU B 7 5.24 18.06 -5.45
CA LEU B 7 4.25 17.42 -4.58
C LEU B 7 3.15 16.69 -5.37
N VAL B 8 2.59 15.64 -4.78
CA VAL B 8 1.53 14.90 -5.40
C VAL B 8 0.20 15.65 -5.17
N GLN B 9 -0.48 15.94 -6.27
CA GLN B 9 -1.86 16.44 -6.26
C GLN B 9 -2.82 15.24 -6.15
N LEU B 10 -3.34 15.02 -4.95
CA LEU B 10 -4.10 13.78 -4.66
C LEU B 10 -5.40 13.64 -5.48
N LEU B 11 -6.21 14.69 -5.52
CA LEU B 11 -7.48 14.62 -6.27
C LEU B 11 -7.20 14.52 -7.76
N ALA B 12 -6.29 15.33 -8.27
CA ALA B 12 -5.96 15.28 -9.70
C ALA B 12 -5.55 13.92 -10.18
N ASN B 13 -4.76 13.22 -9.37
CA ASN B 13 -4.23 11.91 -9.68
C ASN B 13 -5.14 10.72 -9.28
N ALA B 14 -6.33 11.02 -8.80
CA ALA B 14 -7.28 10.06 -8.32
C ALA B 14 -6.66 9.14 -7.27
N GLN B 15 -5.91 9.72 -6.34
CA GLN B 15 -5.25 8.92 -5.31
C GLN B 15 -6.03 8.71 -4.05
N CYS B 16 -7.17 9.40 -3.92
CA CYS B 16 -7.96 9.28 -2.67
C CYS B 16 -9.44 9.07 -3.01
N HIS B 17 -10.14 8.41 -2.11
CA HIS B 17 -11.60 8.30 -2.20
C HIS B 17 -12.19 9.48 -1.49
N LEU B 18 -13.30 10.00 -2.01
CA LEU B 18 -13.88 11.23 -1.45
C LEU B 18 -15.27 10.92 -0.94
N ARG B 19 -15.54 11.32 0.29
CA ARG B 19 -16.89 11.17 0.84
C ARG B 19 -17.33 12.53 1.31
N THR B 20 -18.59 12.85 1.05
CA THR B 20 -19.17 14.14 1.49
C THR B 20 -20.33 13.92 2.46
N SER B 21 -20.59 14.93 3.24
CA SER B 21 -21.69 14.96 4.19
C SER B 21 -23.02 14.91 3.46
N THR B 22 -23.20 15.79 2.47
CA THR B 22 -24.41 15.81 1.62
C THR B 22 -24.03 16.44 0.29
N ASN B 23 -24.80 16.16 -0.74
CA ASN B 23 -24.65 16.77 -2.06
C ASN B 23 -25.98 17.44 -2.47
N TYR B 24 -25.89 18.66 -2.91
CA TYR B 24 -27.10 19.41 -3.30
C TYR B 24 -27.98 18.58 -4.23
N ASN B 25 -27.40 18.04 -5.27
CA ASN B 25 -28.00 16.99 -6.08
C ASN B 25 -26.93 16.26 -6.89
N GLY B 26 -27.37 15.45 -7.86
CA GLY B 26 -26.54 14.52 -8.55
C GLY B 26 -25.48 15.16 -9.44
N VAL B 27 -25.60 16.47 -9.67
CA VAL B 27 -24.63 17.23 -10.46
C VAL B 27 -23.91 18.28 -9.67
N HIS B 28 -23.94 18.15 -8.34
CA HIS B 28 -23.21 19.06 -7.47
C HIS B 28 -22.33 18.22 -6.50
N THR B 29 -21.90 17.08 -6.96
CA THR B 29 -21.24 16.10 -6.06
C THR B 29 -19.72 16.30 -6.05
N GLN B 30 -19.02 15.45 -5.28
CA GLN B 30 -17.55 15.44 -5.26
C GLN B 30 -16.90 15.06 -6.61
N PHE B 31 -17.68 14.54 -7.55
CA PHE B 31 -17.18 14.41 -8.93
C PHE B 31 -16.72 15.77 -9.50
N ASN B 32 -17.25 16.86 -8.95
CA ASN B 32 -16.93 18.20 -9.41
C ASN B 32 -16.00 19.01 -8.49
N SER B 33 -15.24 18.34 -7.64
CA SER B 33 -14.55 18.99 -6.55
C SER B 33 -13.10 19.32 -6.85
N ALA B 34 -12.55 18.80 -7.92
CA ALA B 34 -11.08 18.99 -8.15
C ALA B 34 -10.79 20.46 -8.41
N LEU B 35 -9.65 20.92 -7.90
CA LEU B 35 -9.18 22.25 -8.19
C LEU B 35 -9.20 22.51 -9.68
N ASN B 36 -9.66 23.71 -10.05
CA ASN B 36 -9.81 24.07 -11.46
C ASN B 36 -10.78 23.25 -12.29
N TYR B 37 -11.67 22.51 -11.64
CA TYR B 37 -12.68 21.79 -12.41
C TYR B 37 -13.55 22.77 -13.19
N LYS B 38 -13.75 22.46 -14.46
CA LYS B 38 -14.63 23.26 -15.36
C LYS B 38 -15.54 22.34 -16.19
N ASN B 39 -16.78 22.75 -16.38
CA ASN B 39 -17.74 21.95 -17.10
C ASN B 39 -18.26 22.74 -18.30
N ASN B 40 -19.37 22.26 -18.85
CA ASN B 40 -19.97 22.83 -20.01
C ASN B 40 -20.81 24.04 -19.54
N GLY B 41 -20.29 25.23 -19.82
CA GLY B 41 -21.03 26.42 -19.47
C GLY B 41 -22.20 26.80 -20.39
N THR B 42 -22.42 26.09 -21.47
CA THR B 42 -23.59 26.37 -22.31
C THR B 42 -24.77 25.43 -21.98
N ASN B 43 -24.51 24.41 -21.21
CA ASN B 43 -25.56 23.46 -20.83
C ASN B 43 -25.65 23.48 -19.31
N THR B 44 -26.85 23.63 -18.76
CA THR B 44 -27.05 23.67 -17.32
C THR B 44 -27.11 22.27 -16.67
N ILE B 45 -27.33 21.23 -17.46
CA ILE B 45 -27.65 19.95 -16.89
C ILE B 45 -26.50 19.26 -16.19
N ASP B 46 -25.26 19.66 -16.50
CA ASP B 46 -24.11 19.04 -15.82
C ASP B 46 -23.71 19.74 -14.52
N GLY B 47 -24.49 20.75 -14.10
CA GLY B 47 -24.42 21.28 -12.76
C GLY B 47 -23.25 22.21 -12.46
N SER B 48 -22.76 22.14 -11.22
CA SER B 48 -21.88 23.15 -10.67
C SER B 48 -20.38 22.87 -10.91
N GLU B 49 -19.59 23.94 -11.03
CA GLU B 49 -18.13 23.81 -10.99
C GLU B 49 -17.64 23.89 -9.50
N ALA B 50 -18.08 22.92 -8.71
CA ALA B 50 -17.78 22.76 -7.28
C ALA B 50 -18.57 21.55 -6.76
N TRP B 51 -18.11 21.01 -5.64
CA TRP B 51 -18.99 20.29 -4.72
C TRP B 51 -19.81 21.31 -3.96
N CYS B 52 -21.14 21.08 -3.91
CA CYS B 52 -22.04 21.89 -3.11
C CYS B 52 -22.90 21.00 -2.20
N SER B 53 -23.00 21.38 -0.93
CA SER B 53 -23.72 20.61 0.07
C SER B 53 -25.22 20.81 -0.16
N SER B 54 -26.02 19.94 0.42
CA SER B 54 -27.46 20.10 0.42
C SER B 54 -27.94 20.83 1.68
N ILE B 55 -27.43 20.45 2.84
CA ILE B 55 -27.67 21.18 4.08
C ILE B 55 -26.64 22.30 4.23
N VAL B 56 -27.11 23.50 4.58
CA VAL B 56 -26.23 24.65 4.81
C VAL B 56 -26.17 24.95 6.31
N ASP B 57 -25.19 24.37 6.97
CA ASP B 57 -24.90 24.61 8.36
C ASP B 57 -23.40 24.36 8.60
N THR B 58 -22.97 24.36 9.84
CA THR B 58 -21.53 24.27 10.16
C THR B 58 -21.09 22.83 10.40
N ASN B 59 -21.84 21.86 9.86
CA ASN B 59 -21.64 20.42 10.09
C ASN B 59 -21.32 19.67 8.81
N GLN B 60 -21.06 20.41 7.74
CA GLN B 60 -20.75 19.78 6.45
C GLN B 60 -19.24 19.54 6.31
N TYR B 61 -18.87 18.66 5.39
CA TYR B 61 -17.47 18.32 5.18
C TYR B 61 -17.30 17.49 3.93
N ILE B 62 -16.07 17.47 3.44
CA ILE B 62 -15.61 16.55 2.48
C ILE B 62 -14.39 15.83 3.04
N VAL B 63 -14.42 14.51 3.01
CA VAL B 63 -13.31 13.64 3.51
C VAL B 63 -12.56 13.03 2.33
N ALA B 64 -11.23 13.18 2.33
CA ALA B 64 -10.36 12.49 1.40
C ALA B 64 -9.66 11.30 2.16
N GLY B 65 -9.68 10.13 1.58
CA GLY B 65 -9.12 8.92 2.21
C GLY B 65 -8.09 8.23 1.35
N CYS B 66 -6.91 8.01 1.94
CA CYS B 66 -5.85 7.23 1.32
C CYS B 66 -5.54 6.06 2.24
N GLU B 67 -5.37 4.89 1.64
CA GLU B 67 -4.95 3.72 2.37
C GLU B 67 -3.47 3.67 2.72
N VAL B 68 -2.68 4.39 1.94
CA VAL B 68 -1.24 4.50 2.15
C VAL B 68 -0.95 5.80 2.88
N PRO B 69 -0.36 5.72 4.06
CA PRO B 69 -0.08 6.99 4.77
C PRO B 69 0.68 8.01 3.92
N ARG B 70 0.35 9.29 4.09
CA ARG B 70 0.95 10.39 3.41
C ARG B 70 1.38 11.54 4.37
N THR B 71 2.33 12.31 3.93
CA THR B 71 2.71 13.54 4.55
C THR B 71 2.06 14.67 3.78
N PHE B 72 1.03 15.25 4.41
CA PHE B 72 0.25 16.35 3.87
C PHE B 72 0.94 17.67 4.09
N MET B 73 1.28 18.36 2.99
CA MET B 73 2.03 19.62 3.11
C MET B 73 1.09 20.85 3.10
N CYS B 74 0.00 20.73 2.35
CA CYS B 74 -0.78 21.88 1.92
C CYS B 74 -2.21 21.41 1.54
N VAL B 75 -3.20 22.22 1.88
CA VAL B 75 -4.55 22.11 1.33
C VAL B 75 -4.87 23.39 0.59
N ALA B 76 -5.32 23.24 -0.66
CA ALA B 76 -5.70 24.38 -1.50
C ALA B 76 -7.23 24.43 -1.54
N LEU B 77 -7.77 25.63 -1.36
CA LEU B 77 -9.20 25.86 -1.47
C LEU B 77 -9.47 26.82 -2.62
N GLN B 78 -10.65 26.65 -3.22
CA GLN B 78 -11.08 27.46 -4.35
C GLN B 78 -12.60 27.55 -4.28
N GLY B 79 -13.17 28.66 -4.74
CA GLY B 79 -14.64 28.77 -4.80
C GLY B 79 -15.28 28.04 -5.97
N ARG B 80 -16.59 28.24 -6.14
CA ARG B 80 -17.34 27.68 -7.25
C ARG B 80 -17.06 28.49 -8.51
N GLY B 81 -16.81 27.82 -9.64
CA GLY B 81 -16.38 28.56 -10.83
C GLY B 81 -17.50 29.27 -11.56
N ASP B 82 -18.75 28.86 -11.29
CA ASP B 82 -19.86 29.32 -12.14
C ASP B 82 -20.89 30.14 -11.38
N ALA B 83 -20.66 30.41 -10.10
CA ALA B 83 -21.55 31.20 -9.31
C ALA B 83 -20.80 31.77 -8.12
N ASP B 84 -21.31 32.85 -7.56
CA ASP B 84 -20.58 33.57 -6.52
C ASP B 84 -20.81 32.86 -5.17
N GLN B 85 -20.29 31.65 -5.07
CA GLN B 85 -20.35 30.94 -3.82
C GLN B 85 -18.97 30.39 -3.48
N TRP B 86 -18.61 30.47 -2.22
CA TRP B 86 -17.28 30.05 -1.80
C TRP B 86 -17.18 29.98 -0.27
N VAL B 87 -16.19 29.23 0.21
CA VAL B 87 -15.97 29.03 1.61
C VAL B 87 -14.86 29.98 2.12
N THR B 88 -15.23 30.81 3.08
CA THR B 88 -14.38 31.93 3.61
C THR B 88 -13.49 31.48 4.79
N SER B 89 -13.88 30.41 5.49
CA SER B 89 -13.00 29.80 6.52
C SER B 89 -13.43 28.36 6.76
N TYR B 90 -12.49 27.54 7.23
CA TYR B 90 -12.77 26.14 7.48
C TYR B 90 -11.87 25.65 8.59
N LYS B 91 -12.20 24.49 9.13
CA LYS B 91 -11.26 23.73 9.93
C LYS B 91 -10.86 22.41 9.23
N ILE B 92 -9.79 21.80 9.73
CA ILE B 92 -9.22 20.60 9.19
C ILE B 92 -9.14 19.55 10.30
N ARG B 93 -9.57 18.36 9.96
CA ARG B 93 -9.45 17.20 10.85
C ARG B 93 -8.75 16.09 10.09
N TYR B 94 -8.12 15.17 10.81
CA TYR B 94 -7.37 14.12 10.14
C TYR B 94 -7.18 12.92 11.03
N SER B 95 -6.78 11.82 10.41
CA SER B 95 -6.51 10.54 11.16
C SER B 95 -5.44 9.70 10.47
N LEU B 96 -4.52 9.14 11.25
CA LEU B 96 -3.46 8.35 10.71
C LEU B 96 -3.91 6.88 10.72
N ASP B 97 -4.45 6.42 11.85
CA ASP B 97 -4.81 5.01 12.02
C ASP B 97 -6.29 4.69 11.70
N ASN B 98 -7.06 5.73 11.42
CA ASN B 98 -8.47 5.62 11.06
C ASN B 98 -9.31 5.10 12.20
N VAL B 99 -8.86 5.38 13.44
CA VAL B 99 -9.61 5.08 14.65
C VAL B 99 -9.74 6.36 15.41
N SER B 100 -8.61 6.97 15.74
CA SER B 100 -8.59 8.23 16.46
C SER B 100 -8.45 9.30 15.44
N TRP B 101 -9.22 10.35 15.61
CA TRP B 101 -9.14 11.57 14.79
C TRP B 101 -8.69 12.77 15.61
N PHE B 102 -8.02 13.71 14.93
CA PHE B 102 -7.49 14.90 15.53
C PHE B 102 -7.87 16.12 14.71
N GLU B 103 -7.89 17.28 15.36
CA GLU B 103 -8.16 18.53 14.70
C GLU B 103 -6.89 19.32 14.57
N TYR B 104 -6.64 19.82 13.35
CA TYR B 104 -5.55 20.73 13.14
C TYR B 104 -5.80 22.03 13.92
N ARG B 105 -4.73 22.57 14.53
CA ARG B 105 -4.84 23.77 15.37
C ARG B 105 -5.95 23.66 16.40
N ASN B 106 -6.15 22.45 16.91
CA ASN B 106 -7.20 22.22 17.89
C ASN B 106 -8.58 22.73 17.41
N GLY B 107 -8.82 22.66 16.10
CA GLY B 107 -10.11 23.04 15.51
C GLY B 107 -10.28 24.52 15.19
N ALA B 108 -9.21 25.29 15.27
CA ALA B 108 -9.30 26.70 14.99
C ALA B 108 -9.48 26.90 13.49
N ALA B 109 -10.09 28.03 13.10
CA ALA B 109 -10.34 28.34 11.67
C ALA B 109 -9.08 28.57 10.85
N VAL B 110 -9.15 28.21 9.57
CA VAL B 110 -8.11 28.41 8.63
C VAL B 110 -8.74 29.31 7.56
N THR B 111 -7.96 30.25 7.08
CA THR B 111 -8.42 31.21 6.11
C THR B 111 -8.74 30.54 4.77
N GLY B 112 -9.93 30.81 4.27
CA GLY B 112 -10.40 30.32 3.01
C GLY B 112 -10.22 31.35 1.91
N VAL B 113 -11.19 31.36 1.00
CA VAL B 113 -11.08 32.18 -0.22
C VAL B 113 -12.06 33.33 -0.21
N THR B 114 -11.95 34.23 -1.18
CA THR B 114 -12.74 35.46 -1.19
C THR B 114 -13.34 35.77 -2.56
N ASP B 115 -13.32 34.78 -3.44
CA ASP B 115 -13.88 34.93 -4.79
C ASP B 115 -14.06 33.54 -5.41
N ARG B 116 -14.44 33.48 -6.69
CA ARG B 116 -14.73 32.20 -7.37
C ARG B 116 -13.52 31.33 -7.71
N ASN B 117 -12.46 31.96 -8.17
CA ASN B 117 -11.41 31.24 -8.88
C ASN B 117 -9.98 31.37 -8.33
N THR B 118 -9.74 32.33 -7.46
CA THR B 118 -8.37 32.54 -6.97
C THR B 118 -8.04 31.55 -5.85
N VAL B 119 -7.07 30.69 -6.11
CA VAL B 119 -6.77 29.59 -5.18
C VAL B 119 -6.08 30.11 -3.94
N VAL B 120 -6.45 29.61 -2.75
CA VAL B 120 -5.71 29.97 -1.54
C VAL B 120 -5.10 28.72 -0.92
N ASN B 121 -3.77 28.64 -0.94
CA ASN B 121 -3.03 27.54 -0.34
C ASN B 121 -2.80 27.75 1.15
N HIS B 122 -3.08 26.72 1.95
CA HIS B 122 -2.67 26.73 3.33
C HIS B 122 -1.65 25.61 3.54
N PHE B 123 -0.43 26.00 3.81
CA PHE B 123 0.64 25.07 4.22
C PHE B 123 0.49 24.83 5.71
N PHE B 124 0.33 23.59 6.10
CA PHE B 124 0.10 23.25 7.46
C PHE B 124 1.28 23.66 8.35
N ASP B 125 0.98 24.21 9.52
CA ASP B 125 2.00 24.72 10.44
C ASP B 125 3.15 23.72 10.55
N THR B 126 2.81 22.46 10.74
CA THR B 126 3.72 21.34 10.61
C THR B 126 3.04 20.34 9.68
N PRO B 127 3.79 19.76 8.74
CA PRO B 127 3.20 18.74 7.89
C PRO B 127 2.50 17.60 8.66
N ILE B 128 1.43 17.09 8.08
CA ILE B 128 0.51 16.26 8.81
C ILE B 128 0.67 14.87 8.25
N ARG B 129 1.07 13.92 9.08
CA ARG B 129 1.08 12.51 8.67
C ARG B 129 -0.29 11.85 8.91
N ALA B 130 -0.97 11.44 7.84
CA ALA B 130 -2.34 10.94 7.95
C ALA B 130 -2.72 10.04 6.79
N ARG B 131 -3.77 9.22 6.98
CA ARG B 131 -4.42 8.50 5.89
C ARG B 131 -5.64 9.24 5.36
N SER B 132 -6.45 9.77 6.28
CA SER B 132 -7.65 10.49 5.89
C SER B 132 -7.64 11.90 6.47
N ILE B 133 -8.22 12.82 5.72
CA ILE B 133 -8.24 14.23 6.01
C ILE B 133 -9.56 14.85 5.52
N ALA B 134 -10.07 15.82 6.28
CA ALA B 134 -11.37 16.40 5.98
C ALA B 134 -11.31 17.92 6.07
N ILE B 135 -11.95 18.58 5.09
CA ILE B 135 -12.24 19.99 5.12
C ILE B 135 -13.67 20.20 5.66
N HIS B 136 -13.78 21.02 6.72
CA HIS B 136 -15.05 21.33 7.40
C HIS B 136 -15.35 22.82 7.30
N PRO B 137 -16.17 23.21 6.30
CA PRO B 137 -16.46 24.64 6.18
C PRO B 137 -17.08 25.27 7.45
N LEU B 138 -16.63 26.46 7.82
CA LEU B 138 -17.10 27.15 9.02
C LEU B 138 -17.93 28.41 8.71
N THR B 139 -17.48 29.12 7.67
CA THR B 139 -18.20 30.28 7.15
C THR B 139 -18.14 30.30 5.64
N TRP B 140 -19.09 30.97 4.97
CA TRP B 140 -19.18 30.88 3.52
C TRP B 140 -19.95 32.06 2.95
N ASN B 141 -19.76 32.30 1.67
CA ASN B 141 -20.48 33.31 0.91
C ASN B 141 -21.47 32.61 0.03
N GLY B 142 -22.75 32.86 0.26
CA GLY B 142 -23.80 32.41 -0.67
C GLY B 142 -24.26 30.97 -0.46
N HIS B 143 -23.29 30.05 -0.39
CA HIS B 143 -23.58 28.62 -0.21
C HIS B 143 -22.26 27.92 0.14
N ILE B 144 -22.36 26.73 0.70
CA ILE B 144 -21.19 25.88 0.93
C ILE B 144 -20.83 25.16 -0.38
N SER B 145 -19.90 25.76 -1.12
CA SER B 145 -19.52 25.29 -2.45
C SER B 145 -18.03 25.43 -2.59
N LEU B 146 -17.35 24.35 -2.97
CA LEU B 146 -15.89 24.49 -3.10
C LEU B 146 -15.29 23.56 -4.13
N ARG B 147 -14.07 23.91 -4.51
CA ARG B 147 -13.16 23.00 -5.15
C ARG B 147 -11.88 22.98 -4.26
N CYS B 148 -11.14 21.88 -4.33
CA CYS B 148 -9.96 21.72 -3.51
C CYS B 148 -8.90 20.78 -4.08
N GLU B 149 -7.72 20.87 -3.43
CA GLU B 149 -6.68 19.90 -3.60
C GLU B 149 -5.90 19.70 -2.31
N PHE B 150 -5.39 18.49 -2.13
CA PHE B 150 -4.39 18.17 -1.13
C PHE B 150 -3.07 17.78 -1.81
N TYR B 151 -2.00 18.31 -1.24
CA TYR B 151 -0.64 18.13 -1.74
C TYR B 151 0.19 17.32 -0.72
N THR B 152 0.73 16.19 -1.15
CA THR B 152 1.51 15.33 -0.27
C THR B 152 2.90 15.10 -0.84
N GLN B 153 3.82 14.70 0.03
CA GLN B 153 5.13 14.27 -0.47
C GLN B 153 4.89 13.04 -1.32
N PRO B 154 5.75 12.81 -2.32
CA PRO B 154 5.65 11.55 -3.04
C PRO B 154 5.85 10.37 -2.11
N VAL B 155 5.16 9.28 -2.39
CA VAL B 155 5.29 8.08 -1.57
C VAL B 155 6.13 7.03 -2.29
N GLN B 156 6.82 6.20 -1.53
CA GLN B 156 7.48 5.04 -2.12
C GLN B 156 6.81 3.79 -1.59
N SER B 157 6.73 2.77 -2.41
CA SER B 157 6.14 1.51 -2.03
C SER B 157 7.17 0.40 -2.16
N SER B 158 7.32 -0.41 -1.11
CA SER B 158 8.19 -1.55 -1.17
C SER B 158 7.49 -2.87 -1.00
N VAL B 159 8.06 -3.88 -1.60
CA VAL B 159 7.61 -5.25 -1.39
C VAL B 159 8.81 -6.09 -0.95
N THR B 160 8.74 -6.70 0.22
CA THR B 160 9.90 -7.42 0.73
C THR B 160 9.60 -8.92 0.87
N GLN B 161 10.58 -9.77 0.50
CA GLN B 161 10.54 -11.22 0.76
C GLN B 161 11.76 -11.65 1.60
N VAL B 162 11.45 -12.45 2.61
CA VAL B 162 12.47 -13.02 3.49
C VAL B 162 12.59 -14.46 3.14
N GLY B 163 13.84 -14.92 3.00
CA GLY B 163 14.13 -16.32 2.76
C GLY B 163 15.12 -16.81 3.81
N ALA B 164 14.77 -17.86 4.52
CA ALA B 164 15.59 -18.33 5.62
C ALA B 164 16.45 -19.55 5.26
N ASP B 165 17.67 -19.56 5.80
CA ASP B 165 18.44 -20.78 5.92
C ASP B 165 18.96 -21.32 4.60
N ILE B 166 19.46 -20.50 3.71
CA ILE B 166 20.13 -21.05 2.52
C ILE B 166 21.48 -21.65 3.00
N TYR B 167 21.80 -22.88 2.63
CA TYR B 167 22.90 -23.62 3.28
C TYR B 167 23.83 -24.25 2.26
N THR B 168 25.13 -24.21 2.52
CA THR B 168 26.11 -24.93 1.70
C THR B 168 25.92 -26.44 1.77
N GLY B 169 25.34 -26.94 2.85
CA GLY B 169 25.45 -28.37 3.20
C GLY B 169 26.64 -28.64 4.13
N ASP B 170 26.59 -29.75 4.86
CA ASP B 170 27.72 -30.16 5.73
C ASP B 170 28.93 -30.56 4.87
N ASN B 171 30.11 -30.18 5.32
CA ASN B 171 31.37 -30.63 4.70
C ASN B 171 31.36 -30.31 3.22
N CYS B 172 31.10 -29.05 2.91
CA CYS B 172 30.87 -28.62 1.58
C CYS B 172 32.23 -28.47 0.87
N ALA B 173 32.20 -28.13 -0.40
CA ALA B 173 33.40 -28.16 -1.21
C ALA B 173 34.40 -27.08 -0.81
N LEU B 174 33.95 -26.11 -0.02
CA LEU B 174 34.84 -25.12 0.56
C LEU B 174 35.76 -25.71 1.63
N ASN B 175 35.51 -26.94 2.06
CA ASN B 175 36.26 -27.57 3.13
C ASN B 175 37.53 -28.23 2.61
N THR B 176 37.82 -28.03 1.33
CA THR B 176 39.06 -28.52 0.74
C THR B 176 39.60 -27.59 -0.29
N GLY B 177 40.90 -27.70 -0.52
CA GLY B 177 41.52 -26.97 -1.58
C GLY B 177 42.04 -25.62 -1.17
N SER B 178 42.52 -24.93 -2.18
CA SER B 178 43.27 -23.74 -1.99
C SER B 178 42.86 -22.69 -3.02
N GLY B 179 42.94 -21.42 -2.65
CA GLY B 179 42.65 -20.31 -3.55
C GLY B 179 41.17 -19.94 -3.47
N LYS B 180 40.72 -18.98 -4.27
CA LYS B 180 39.32 -18.65 -4.27
C LYS B 180 38.45 -19.85 -4.67
N ARG B 181 37.48 -20.17 -3.82
CA ARG B 181 36.58 -21.29 -4.02
C ARG B 181 35.17 -20.81 -3.67
N GLU B 182 34.19 -21.29 -4.43
CA GLU B 182 32.79 -20.89 -4.27
C GLU B 182 31.88 -22.10 -4.32
N VAL B 183 30.79 -22.05 -3.55
CA VAL B 183 29.70 -23.03 -3.61
C VAL B 183 28.42 -22.21 -3.93
N VAL B 184 27.72 -22.59 -4.98
CA VAL B 184 26.57 -21.81 -5.51
C VAL B 184 25.27 -22.55 -5.24
N VAL B 185 24.38 -21.88 -4.51
CA VAL B 185 23.05 -22.42 -4.19
C VAL B 185 21.99 -21.50 -4.87
N PRO B 186 21.36 -21.95 -5.96
CA PRO B 186 20.33 -21.09 -6.60
C PRO B 186 19.14 -20.90 -5.68
N VAL B 187 18.59 -19.69 -5.71
CA VAL B 187 17.45 -19.39 -4.87
C VAL B 187 16.33 -18.87 -5.78
N LYS B 188 15.13 -19.39 -5.59
CA LYS B 188 13.96 -18.84 -6.30
C LYS B 188 13.03 -18.19 -5.26
N PHE B 189 12.61 -16.96 -5.51
CA PHE B 189 11.78 -16.26 -4.52
C PHE B 189 10.40 -16.95 -4.52
N GLN B 190 9.68 -16.89 -3.39
CA GLN B 190 8.34 -17.48 -3.33
C GLN B 190 7.44 -16.95 -4.45
N PHE B 191 7.57 -15.68 -4.79
CA PHE B 191 6.85 -15.10 -5.96
C PHE B 191 7.76 -14.14 -6.69
N GLU B 192 7.50 -13.97 -7.98
CA GLU B 192 8.29 -13.09 -8.78
C GLU B 192 7.97 -11.64 -8.43
N PHE B 193 9.01 -10.85 -8.25
CA PHE B 193 8.91 -9.43 -8.02
C PHE B 193 8.45 -8.73 -9.32
N ALA B 194 7.71 -7.64 -9.17
CA ALA B 194 7.33 -6.73 -10.26
C ALA B 194 8.48 -5.98 -10.89
N THR B 195 9.50 -5.64 -10.10
CA THR B 195 10.64 -4.93 -10.61
C THR B 195 11.88 -5.56 -9.94
N LEU B 196 13.07 -5.17 -10.39
CA LEU B 196 14.29 -5.82 -9.87
C LEU B 196 14.55 -5.52 -8.40
N PRO B 197 14.68 -6.56 -7.56
CA PRO B 197 14.96 -6.29 -6.16
C PRO B 197 16.44 -6.05 -5.85
N LYS B 198 16.68 -5.45 -4.69
CA LYS B 198 18.00 -5.45 -4.01
C LYS B 198 17.96 -6.51 -2.91
N VAL B 199 19.10 -7.17 -2.68
CA VAL B 199 19.17 -8.34 -1.80
C VAL B 199 20.27 -8.20 -0.77
N ALA B 200 19.87 -8.24 0.50
CA ALA B 200 20.75 -8.45 1.67
C ALA B 200 20.86 -9.97 1.92
N LEU B 201 22.08 -10.46 2.14
CA LEU B 201 22.32 -11.87 2.39
C LEU B 201 23.48 -11.97 3.38
N ASN B 202 23.13 -12.43 4.57
CA ASN B 202 23.99 -12.33 5.75
C ASN B 202 24.05 -13.64 6.53
N PHE B 203 25.15 -13.88 7.22
CA PHE B 203 25.37 -15.14 7.92
C PHE B 203 24.46 -15.37 9.15
N ASP B 204 23.99 -16.61 9.30
CA ASP B 204 23.42 -17.05 10.55
C ASP B 204 24.09 -18.31 11.16
N GLN B 205 24.97 -18.98 10.41
CA GLN B 205 25.68 -20.13 11.03
C GLN B 205 27.02 -20.26 10.34
N ILE B 206 28.09 -20.29 11.12
CA ILE B 206 29.46 -20.37 10.59
C ILE B 206 30.20 -21.54 11.24
N ASP B 207 30.77 -22.43 10.42
CA ASP B 207 31.56 -23.61 10.85
C ASP B 207 32.80 -23.61 9.97
N CYS B 208 33.87 -22.96 10.43
CA CYS B 208 35.01 -22.77 9.58
C CYS B 208 36.34 -22.89 10.34
N THR B 209 37.43 -23.17 9.60
CA THR B 209 38.77 -23.27 10.21
C THR B 209 39.60 -22.09 9.80
N ASP B 210 40.35 -21.53 10.73
CA ASP B 210 41.27 -20.46 10.37
C ASP B 210 42.50 -20.99 9.62
N ALA B 211 43.22 -20.07 8.98
CA ALA B 211 44.48 -20.34 8.29
C ALA B 211 45.48 -19.25 8.78
N THR B 212 46.51 -19.73 9.48
CA THR B 212 47.45 -18.90 10.17
C THR B 212 46.68 -17.81 10.91
N ASN B 213 45.70 -18.27 11.68
CA ASN B 213 44.89 -17.46 12.58
C ASN B 213 43.93 -16.49 11.87
N GLN B 214 43.86 -16.58 10.55
CA GLN B 214 42.94 -15.72 9.79
C GLN B 214 41.62 -16.44 9.49
N THR B 215 40.51 -15.74 9.69
CA THR B 215 39.20 -16.16 9.23
C THR B 215 38.90 -15.46 7.91
N ARG B 216 38.47 -16.24 6.91
CA ARG B 216 38.10 -15.70 5.61
C ARG B 216 36.80 -16.39 5.16
N ILE B 217 35.67 -15.69 5.24
CA ILE B 217 34.40 -16.21 4.74
C ILE B 217 33.57 -15.10 4.05
N GLY B 218 32.73 -15.51 3.12
CA GLY B 218 31.90 -14.56 2.42
C GLY B 218 30.62 -15.21 1.91
N VAL B 219 29.61 -14.38 1.72
CA VAL B 219 28.40 -14.79 1.01
C VAL B 219 27.91 -13.55 0.25
N GLN B 220 27.42 -13.77 -0.98
CA GLN B 220 26.99 -12.70 -1.86
C GLN B 220 26.00 -13.24 -2.91
N PRO B 221 24.97 -12.44 -3.25
CA PRO B 221 24.08 -12.78 -4.36
C PRO B 221 24.76 -12.53 -5.69
N ARG B 222 24.52 -13.40 -6.67
CA ARG B 222 24.94 -13.10 -8.01
C ARG B 222 23.76 -13.31 -8.98
N ASN B 223 23.74 -12.52 -10.05
CA ASN B 223 22.71 -12.70 -11.07
C ASN B 223 21.31 -12.55 -10.51
N ILE B 224 21.11 -11.49 -9.74
CA ILE B 224 19.76 -11.26 -9.15
C ILE B 224 18.80 -10.94 -10.31
N THR B 225 17.63 -11.50 -10.27
CA THR B 225 16.57 -11.17 -11.20
C THR B 225 15.30 -10.99 -10.39
N THR B 226 14.20 -10.66 -11.08
CA THR B 226 12.90 -10.65 -10.41
C THR B 226 12.45 -11.99 -9.87
N LYS B 227 12.98 -13.09 -10.43
CA LYS B 227 12.60 -14.42 -9.99
C LYS B 227 13.50 -15.11 -8.95
N GLY B 228 14.74 -14.69 -8.80
CA GLY B 228 15.63 -15.34 -7.84
C GLY B 228 17.06 -14.83 -8.01
N PHE B 229 17.99 -15.58 -7.46
CA PHE B 229 19.38 -15.20 -7.50
C PHE B 229 20.20 -16.44 -7.11
N ASP B 230 21.49 -16.35 -7.38
CA ASP B 230 22.43 -17.35 -7.00
C ASP B 230 23.07 -16.93 -5.68
N CYS B 231 22.93 -17.76 -4.67
CA CYS B 231 23.58 -17.51 -3.41
C CYS B 231 24.97 -18.10 -3.45
N VAL B 232 25.98 -17.24 -3.47
CA VAL B 232 27.38 -17.68 -3.61
C VAL B 232 28.09 -17.62 -2.27
N PHE B 233 28.42 -18.80 -1.71
CA PHE B 233 29.23 -18.87 -0.50
C PHE B 233 30.70 -19.05 -0.94
N TYR B 234 31.61 -18.40 -0.23
CA TYR B 234 33.01 -18.48 -0.63
C TYR B 234 34.04 -18.31 0.50
N THR B 235 35.24 -18.77 0.17
CA THR B 235 36.43 -18.54 0.99
C THR B 235 37.56 -18.37 0.01
N TRP B 236 38.76 -18.15 0.53
CA TRP B 236 39.89 -17.98 -0.34
C TRP B 236 41.19 -18.26 0.46
N ASN B 237 42.35 -18.09 -0.16
CA ASN B 237 43.62 -18.46 0.50
C ASN B 237 43.55 -19.96 0.87
N GLU B 238 44.10 -20.35 2.03
CA GLU B 238 44.18 -21.75 2.43
C GLU B 238 43.05 -22.17 3.33
N ASN B 239 42.08 -21.27 3.53
CA ASN B 239 41.06 -21.57 4.52
C ASN B 239 40.17 -22.71 4.15
N LYS B 240 39.76 -23.48 5.14
CA LYS B 240 38.86 -24.58 4.95
C LYS B 240 37.58 -24.24 5.71
N VAL B 241 36.47 -24.25 4.99
CA VAL B 241 35.15 -23.96 5.52
C VAL B 241 34.23 -25.17 5.44
N TYR B 242 33.82 -25.65 6.59
CA TYR B 242 32.98 -26.85 6.65
C TYR B 242 31.57 -26.59 6.13
N SER B 243 30.95 -25.55 6.67
CA SER B 243 29.65 -25.12 6.17
C SER B 243 29.43 -23.65 6.48
N LEU B 244 28.56 -23.05 5.67
CA LEU B 244 28.06 -21.70 5.94
C LEU B 244 26.54 -21.68 5.69
N ARG B 245 25.82 -20.89 6.51
CA ARG B 245 24.37 -20.68 6.31
C ARG B 245 24.05 -19.18 6.37
N ALA B 246 23.03 -18.78 5.61
CA ALA B 246 22.68 -17.37 5.51
C ALA B 246 21.17 -17.17 5.30
N ASP B 247 20.65 -16.05 5.74
CA ASP B 247 19.24 -15.69 5.47
C ASP B 247 19.24 -14.53 4.51
N TYR B 248 18.24 -14.41 3.68
CA TYR B 248 18.17 -13.24 2.83
C TYR B 248 16.94 -12.33 3.05
N ILE B 249 17.11 -11.07 2.64
CA ILE B 249 16.03 -10.12 2.60
C ILE B 249 16.11 -9.43 1.24
N ALA B 250 15.04 -9.57 0.46
CA ALA B 250 15.02 -9.01 -0.88
C ALA B 250 13.87 -8.00 -0.94
N THR B 251 14.15 -6.80 -1.41
CA THR B 251 13.14 -5.75 -1.49
C THR B 251 13.13 -5.11 -2.87
N ALA B 252 11.92 -4.99 -3.42
CA ALA B 252 11.70 -4.25 -4.64
C ALA B 252 10.89 -3.00 -4.39
N LEU B 253 11.22 -1.95 -5.09
CA LEU B 253 10.64 -0.62 -4.90
C LEU B 253 9.79 -0.23 -6.12
N GLU B 254 8.68 0.46 -5.86
CA GLU B 254 7.86 1.05 -6.90
C GLU B 254 7.33 0.05 -7.93
N MET C 2 -10.44 -15.48 -22.14
CA MET C 2 -9.17 -16.17 -21.76
C MET C 2 -7.85 -15.33 -21.98
N SER C 3 -7.83 -14.39 -22.92
CA SER C 3 -6.58 -13.63 -23.12
C SER C 3 -6.13 -12.89 -21.84
N THR C 4 -7.06 -12.57 -20.95
CA THR C 4 -6.71 -11.86 -19.73
C THR C 4 -6.78 -12.76 -18.50
N GLN C 5 -6.70 -14.06 -18.73
CA GLN C 5 -6.65 -15.01 -17.62
C GLN C 5 -5.54 -14.69 -16.59
N GLY C 6 -5.91 -14.83 -15.32
CA GLY C 6 -5.01 -14.58 -14.22
C GLY C 6 -4.73 -13.12 -13.89
N LEU C 7 -5.30 -12.20 -14.67
CA LEU C 7 -5.11 -10.77 -14.38
C LEU C 7 -6.23 -10.17 -13.49
N VAL C 8 -5.91 -9.09 -12.79
CA VAL C 8 -6.88 -8.42 -11.97
C VAL C 8 -7.66 -7.44 -12.88
N GLN C 9 -8.98 -7.55 -12.84
CA GLN C 9 -9.90 -6.56 -13.42
C GLN C 9 -10.11 -5.42 -12.40
N LEU C 10 -9.46 -4.31 -12.66
CA LEU C 10 -9.32 -3.25 -11.68
C LEU C 10 -10.65 -2.56 -11.29
N LEU C 11 -11.44 -2.16 -12.30
CA LEU C 11 -12.70 -1.50 -12.02
C LEU C 11 -13.70 -2.49 -11.41
N ALA C 12 -13.73 -3.73 -11.90
CA ALA C 12 -14.71 -4.68 -11.42
C ALA C 12 -14.44 -4.97 -9.94
N ASN C 13 -13.15 -4.96 -9.55
CA ASN C 13 -12.79 -5.24 -8.18
C ASN C 13 -12.78 -4.01 -7.28
N ALA C 14 -13.17 -2.84 -7.84
CA ALA C 14 -13.19 -1.56 -7.11
C ALA C 14 -11.84 -1.23 -6.53
N GLN C 15 -10.78 -1.50 -7.31
CA GLN C 15 -9.41 -1.36 -6.85
C GLN C 15 -8.84 0.01 -7.16
N CYS C 16 -9.59 0.84 -7.86
CA CYS C 16 -9.12 2.17 -8.24
C CYS C 16 -10.17 3.26 -8.01
N HIS C 17 -9.71 4.49 -7.84
CA HIS C 17 -10.59 5.61 -7.83
C HIS C 17 -10.71 6.13 -9.28
N LEU C 18 -11.90 6.65 -9.62
CA LEU C 18 -12.15 7.19 -10.97
C LEU C 18 -12.55 8.65 -10.92
N ARG C 19 -11.81 9.48 -11.67
CA ARG C 19 -12.18 10.89 -11.89
C ARG C 19 -12.34 11.11 -13.40
N THR C 20 -13.35 11.85 -13.80
CA THR C 20 -13.60 12.16 -15.18
C THR C 20 -13.45 13.67 -15.37
N SER C 21 -13.23 14.08 -16.59
CA SER C 21 -13.15 15.50 -16.97
C SER C 21 -14.48 16.20 -16.80
N THR C 22 -15.53 15.59 -17.32
CA THR C 22 -16.90 16.11 -17.19
C THR C 22 -17.82 14.93 -17.32
N ASN C 23 -19.03 15.07 -16.79
CA ASN C 23 -20.11 14.07 -16.84
C ASN C 23 -21.38 14.72 -17.43
N TYR C 24 -21.99 14.06 -18.41
CA TYR C 24 -23.14 14.63 -19.16
C TYR C 24 -24.21 15.11 -18.17
N ASN C 25 -24.53 14.25 -17.21
CA ASN C 25 -25.23 14.63 -16.00
C ASN C 25 -24.98 13.58 -14.94
N GLY C 26 -25.78 13.58 -13.87
CA GLY C 26 -25.55 12.71 -12.73
C GLY C 26 -25.85 11.22 -12.92
N VAL C 27 -26.44 10.85 -14.05
CA VAL C 27 -26.70 9.48 -14.39
C VAL C 27 -25.92 9.09 -15.65
N HIS C 28 -24.89 9.88 -15.98
CA HIS C 28 -23.95 9.55 -17.04
C HIS C 28 -22.48 9.49 -16.54
N THR C 29 -22.29 9.23 -15.25
CA THR C 29 -20.98 9.37 -14.63
C THR C 29 -20.15 8.08 -14.67
N GLN C 30 -18.95 8.15 -14.09
CA GLN C 30 -18.09 7.01 -13.91
C GLN C 30 -18.69 5.88 -13.10
N PHE C 31 -19.80 6.11 -12.38
CA PHE C 31 -20.51 4.99 -11.76
C PHE C 31 -20.99 3.95 -12.77
N ASN C 32 -21.18 4.35 -14.02
CA ASN C 32 -21.66 3.50 -15.10
C ASN C 32 -20.58 3.08 -16.12
N SER C 33 -19.30 3.21 -15.69
CA SER C 33 -18.13 3.00 -16.57
C SER C 33 -17.62 1.54 -16.72
N ALA C 34 -17.97 0.64 -15.80
CA ALA C 34 -17.43 -0.74 -15.87
C ALA C 34 -17.75 -1.50 -17.14
N LEU C 35 -16.77 -2.24 -17.68
CA LEU C 35 -17.03 -3.11 -18.84
C LEU C 35 -18.30 -3.93 -18.58
N ASN C 36 -19.16 -4.02 -19.59
CA ASN C 36 -20.41 -4.78 -19.51
C ASN C 36 -21.46 -4.27 -18.49
N TYR C 37 -21.28 -3.07 -17.97
CA TYR C 37 -22.28 -2.41 -17.13
C TYR C 37 -23.58 -2.35 -17.91
N LYS C 38 -24.66 -2.76 -17.27
CA LYS C 38 -26.02 -2.70 -17.86
C LYS C 38 -26.98 -2.17 -16.77
N ASN C 39 -27.99 -1.42 -17.19
CA ASN C 39 -28.94 -0.92 -16.25
C ASN C 39 -30.39 -1.29 -16.63
N ASN C 40 -31.34 -0.60 -16.03
CA ASN C 40 -32.75 -0.89 -16.21
C ASN C 40 -33.20 -0.30 -17.52
N GLY C 41 -33.41 -1.19 -18.49
CA GLY C 41 -33.78 -0.74 -19.83
C GLY C 41 -35.21 -0.27 -19.95
N THR C 42 -36.04 -0.53 -18.96
CA THR C 42 -37.44 -0.09 -18.99
C THR C 42 -37.67 1.31 -18.39
N ASN C 43 -36.62 1.91 -17.81
CA ASN C 43 -36.69 3.14 -17.06
C ASN C 43 -35.58 4.04 -17.60
N THR C 44 -35.90 5.27 -17.98
CA THR C 44 -34.88 6.17 -18.53
C THR C 44 -34.05 6.87 -17.46
N ILE C 45 -34.53 6.87 -16.20
CA ILE C 45 -34.04 7.80 -15.16
C ILE C 45 -32.63 7.43 -14.64
N ASP C 46 -32.23 6.19 -14.92
CA ASP C 46 -30.95 5.70 -14.45
C ASP C 46 -29.84 5.90 -15.47
N GLY C 47 -30.13 6.56 -16.57
CA GLY C 47 -29.10 6.99 -17.49
C GLY C 47 -28.49 5.98 -18.43
N SER C 48 -27.22 6.28 -18.79
CA SER C 48 -26.52 5.61 -19.84
C SER C 48 -25.75 4.34 -19.39
N GLU C 49 -25.65 3.38 -20.27
CA GLU C 49 -24.79 2.26 -20.02
C GLU C 49 -23.37 2.60 -20.51
N ALA C 50 -22.76 3.56 -19.81
CA ALA C 50 -21.48 4.17 -20.16
C ALA C 50 -21.24 5.40 -19.29
N TRP C 51 -19.96 5.77 -19.17
CA TRP C 51 -19.59 7.11 -18.83
C TRP C 51 -19.73 7.93 -20.11
N CYS C 52 -20.36 9.10 -19.98
CA CYS C 52 -20.47 10.04 -21.10
C CYS C 52 -20.11 11.45 -20.67
N SER C 53 -19.28 12.13 -21.47
CA SER C 53 -18.84 13.47 -21.17
C SER C 53 -19.90 14.53 -21.40
N SER C 54 -19.74 15.68 -20.76
CA SER C 54 -20.60 16.85 -21.00
C SER C 54 -20.06 17.67 -22.16
N ILE C 55 -18.75 17.79 -22.24
CA ILE C 55 -18.13 18.57 -23.32
C ILE C 55 -17.65 17.56 -24.33
N VAL C 56 -17.89 17.87 -25.59
CA VAL C 56 -17.49 16.98 -26.67
C VAL C 56 -16.34 17.65 -27.42
N ASP C 57 -15.13 17.24 -27.09
CA ASP C 57 -13.91 17.76 -27.69
C ASP C 57 -12.80 16.73 -27.42
N THR C 58 -11.58 17.02 -27.84
CA THR C 58 -10.50 16.08 -27.67
C THR C 58 -9.76 16.25 -26.36
N ASN C 59 -10.38 16.93 -25.40
CA ASN C 59 -9.77 17.19 -24.12
C ASN C 59 -10.39 16.43 -22.93
N GLN C 60 -11.22 15.43 -23.22
CA GLN C 60 -11.88 14.68 -22.19
C GLN C 60 -11.04 13.48 -21.77
N TYR C 61 -11.38 12.95 -20.61
CA TYR C 61 -10.66 11.80 -20.05
C TYR C 61 -11.37 11.17 -18.91
N ILE C 62 -11.04 9.91 -18.68
CA ILE C 62 -11.32 9.21 -17.43
C ILE C 62 -9.98 8.76 -16.84
N VAL C 63 -9.75 9.07 -15.58
CA VAL C 63 -8.52 8.65 -14.90
C VAL C 63 -8.82 7.60 -13.88
N ALA C 64 -8.02 6.56 -13.81
CA ALA C 64 -8.09 5.54 -12.77
C ALA C 64 -6.84 5.64 -11.88
N GLY C 65 -7.01 5.68 -10.57
CA GLY C 65 -5.91 5.90 -9.67
C GLY C 65 -5.82 4.78 -8.66
N CYS C 66 -4.62 4.24 -8.52
CA CYS C 66 -4.29 3.24 -7.52
C CYS C 66 -3.13 3.76 -6.70
N GLU C 67 -3.25 3.74 -5.36
CA GLU C 67 -2.14 4.06 -4.50
C GLU C 67 -1.03 3.02 -4.49
N VAL C 68 -1.35 1.76 -4.78
CA VAL C 68 -0.32 0.72 -4.85
C VAL C 68 0.09 0.54 -6.34
N PRO C 69 1.37 0.71 -6.66
CA PRO C 69 1.76 0.58 -8.06
C PRO C 69 1.39 -0.76 -8.69
N ARG C 70 0.97 -0.71 -9.95
CA ARG C 70 0.62 -1.92 -10.67
C ARG C 70 1.35 -2.04 -11.99
N THR C 71 1.40 -3.28 -12.50
CA THR C 71 1.87 -3.54 -13.85
C THR C 71 0.63 -3.73 -14.75
N PHE C 72 0.37 -2.74 -15.59
CA PHE C 72 -0.78 -2.73 -16.48
C PHE C 72 -0.44 -3.50 -17.74
N MET C 73 -1.19 -4.59 -17.94
CA MET C 73 -1.02 -5.44 -19.14
C MET C 73 -1.89 -5.02 -20.33
N CYS C 74 -3.14 -4.64 -20.03
CA CYS C 74 -4.18 -4.49 -21.05
C CYS C 74 -5.17 -3.41 -20.61
N VAL C 75 -5.65 -2.64 -21.60
CA VAL C 75 -6.85 -1.80 -21.42
C VAL C 75 -7.90 -2.32 -22.40
N ALA C 76 -9.12 -2.56 -21.91
CA ALA C 76 -10.24 -2.90 -22.76
C ALA C 76 -11.21 -1.69 -22.89
N LEU C 77 -11.63 -1.44 -24.12
CA LEU C 77 -12.63 -0.45 -24.42
C LEU C 77 -13.92 -1.13 -24.92
N GLN C 78 -15.06 -0.48 -24.65
CA GLN C 78 -16.37 -0.96 -25.07
C GLN C 78 -17.24 0.27 -25.31
N GLY C 79 -18.17 0.17 -26.26
CA GLY C 79 -19.10 1.24 -26.53
C GLY C 79 -20.17 1.40 -25.45
N ARG C 80 -21.07 2.35 -25.70
CA ARG C 80 -22.26 2.57 -24.90
C ARG C 80 -23.30 1.47 -25.18
N GLY C 81 -23.84 0.88 -24.12
CA GLY C 81 -24.74 -0.27 -24.27
C GLY C 81 -26.14 0.03 -24.84
N ASP C 82 -26.63 1.24 -24.62
CA ASP C 82 -28.04 1.56 -24.87
C ASP C 82 -28.24 2.55 -26.00
N ALA C 83 -27.16 2.99 -26.64
CA ALA C 83 -27.24 3.92 -27.76
C ALA C 83 -26.00 3.74 -28.65
N ASP C 84 -26.07 4.26 -29.86
CA ASP C 84 -24.98 4.09 -30.85
C ASP C 84 -23.93 5.19 -30.69
N GLN C 85 -23.21 5.09 -29.58
CA GLN C 85 -22.14 5.98 -29.24
C GLN C 85 -20.96 5.13 -28.77
N TRP C 86 -19.77 5.46 -29.27
CA TRP C 86 -18.58 4.74 -28.83
C TRP C 86 -17.34 5.48 -29.25
N VAL C 87 -16.23 5.10 -28.64
CA VAL C 87 -14.93 5.75 -28.89
C VAL C 87 -14.14 4.86 -29.83
N THR C 88 -13.76 5.45 -30.96
CA THR C 88 -13.13 4.71 -32.04
C THR C 88 -11.62 4.70 -31.93
N SER C 89 -11.06 5.69 -31.24
CA SER C 89 -9.65 5.72 -30.87
C SER C 89 -9.40 6.61 -29.63
N TYR C 90 -8.28 6.35 -28.98
CA TYR C 90 -7.92 7.03 -27.79
C TYR C 90 -6.41 7.01 -27.54
N LYS C 91 -5.93 7.94 -26.71
CA LYS C 91 -4.58 7.86 -26.19
C LYS C 91 -4.56 7.53 -24.71
N ILE C 92 -3.44 6.96 -24.30
CA ILE C 92 -3.25 6.51 -22.90
C ILE C 92 -2.13 7.35 -22.28
N ARG C 93 -2.42 7.93 -21.12
CA ARG C 93 -1.41 8.65 -20.35
C ARG C 93 -1.31 7.95 -19.00
N TYR C 94 -0.17 8.05 -18.35
CA TYR C 94 0.04 7.35 -17.06
C TYR C 94 1.07 8.06 -16.16
N SER C 95 1.03 7.76 -14.87
CA SER C 95 2.05 8.21 -13.96
C SER C 95 2.36 7.14 -12.92
N LEU C 96 3.64 6.94 -12.63
CA LEU C 96 4.03 6.05 -11.53
C LEU C 96 4.11 6.83 -10.21
N ASP C 97 4.79 7.97 -10.21
CA ASP C 97 5.03 8.76 -9.00
C ASP C 97 3.93 9.81 -8.67
N ASN C 98 3.01 10.01 -9.62
CA ASN C 98 1.90 10.99 -9.46
C ASN C 98 2.40 12.43 -9.38
N VAL C 99 3.62 12.65 -9.90
CA VAL C 99 4.18 13.99 -10.08
C VAL C 99 4.37 14.21 -11.56
N SER C 100 5.12 13.33 -12.23
CA SER C 100 5.35 13.41 -13.68
C SER C 100 4.46 12.42 -14.40
N TRP C 101 3.82 12.89 -15.46
CA TRP C 101 3.02 12.06 -16.36
C TRP C 101 3.70 11.81 -17.68
N PHE C 102 3.39 10.67 -18.26
CA PHE C 102 3.90 10.20 -19.55
C PHE C 102 2.78 9.76 -20.48
N GLU C 103 3.10 9.68 -21.76
CA GLU C 103 2.10 9.22 -22.71
C GLU C 103 2.56 7.95 -23.41
N TYR C 104 1.69 6.96 -23.45
CA TYR C 104 1.93 5.72 -24.20
C TYR C 104 2.09 6.03 -25.70
N ARG C 105 3.10 5.43 -26.34
CA ARG C 105 3.42 5.66 -27.75
C ARG C 105 3.57 7.13 -28.12
N ASN C 106 4.13 7.90 -27.20
CA ASN C 106 4.25 9.32 -27.31
C ASN C 106 2.92 9.98 -27.65
N GLY C 107 1.81 9.38 -27.25
CA GLY C 107 0.53 10.03 -27.46
C GLY C 107 -0.22 9.56 -28.67
N ALA C 108 0.36 8.61 -29.40
CA ALA C 108 -0.27 8.12 -30.61
C ALA C 108 -1.54 7.35 -30.23
N ALA C 109 -2.43 7.25 -31.20
CA ALA C 109 -3.76 6.71 -30.98
C ALA C 109 -3.70 5.18 -30.82
N VAL C 110 -4.55 4.70 -29.94
CA VAL C 110 -4.78 3.30 -29.80
C VAL C 110 -6.16 3.00 -30.41
N THR C 111 -6.29 1.83 -31.02
CA THR C 111 -7.52 1.48 -31.74
C THR C 111 -8.60 1.17 -30.75
N GLY C 112 -9.74 1.83 -30.93
CA GLY C 112 -10.88 1.63 -30.07
C GLY C 112 -11.88 0.64 -30.64
N VAL C 113 -13.17 0.98 -30.48
CA VAL C 113 -14.22 0.08 -30.86
C VAL C 113 -15.02 0.59 -32.09
N THR C 114 -15.94 -0.24 -32.55
CA THR C 114 -16.70 0.05 -33.76
C THR C 114 -18.20 -0.25 -33.58
N ASP C 115 -18.62 -0.59 -32.37
CA ASP C 115 -20.03 -0.89 -32.10
C ASP C 115 -20.32 -0.65 -30.59
N ARG C 116 -21.52 -1.01 -30.16
CA ARG C 116 -21.91 -0.79 -28.75
C ARG C 116 -21.23 -1.76 -27.77
N ASN C 117 -21.18 -3.05 -28.14
CA ASN C 117 -20.92 -4.09 -27.16
C ASN C 117 -19.65 -4.92 -27.36
N THR C 118 -19.09 -4.95 -28.54
CA THR C 118 -17.91 -5.80 -28.78
C THR C 118 -16.66 -5.15 -28.14
N VAL C 119 -16.10 -5.81 -27.12
CA VAL C 119 -14.93 -5.31 -26.42
C VAL C 119 -13.70 -5.40 -27.30
N VAL C 120 -12.88 -4.36 -27.27
CA VAL C 120 -11.61 -4.40 -27.94
C VAL C 120 -10.47 -4.26 -26.94
N ASN C 121 -9.70 -5.34 -26.76
CA ASN C 121 -8.56 -5.38 -25.86
C ASN C 121 -7.32 -4.80 -26.51
N HIS C 122 -6.61 -3.99 -25.78
CA HIS C 122 -5.31 -3.50 -26.23
C HIS C 122 -4.27 -3.89 -25.20
N PHE C 123 -3.46 -4.89 -25.55
CA PHE C 123 -2.30 -5.25 -24.73
C PHE C 123 -1.16 -4.30 -25.06
N PHE C 124 -0.69 -3.58 -24.04
CA PHE C 124 0.36 -2.58 -24.21
C PHE C 124 1.63 -3.16 -24.81
N ASP C 125 2.22 -2.42 -25.75
CA ASP C 125 3.42 -2.88 -26.47
C ASP C 125 4.43 -3.41 -25.45
N THR C 126 4.66 -2.65 -24.38
CA THR C 126 5.33 -3.12 -23.17
C THR C 126 4.42 -2.79 -21.97
N PRO C 127 4.32 -3.73 -21.05
CA PRO C 127 3.52 -3.48 -19.85
C PRO C 127 3.94 -2.21 -19.11
N ILE C 128 2.98 -1.54 -18.50
CA ILE C 128 3.21 -0.18 -18.04
C ILE C 128 3.18 -0.24 -16.54
N ARG C 129 4.24 0.25 -15.89
CA ARG C 129 4.27 0.36 -14.43
C ARG C 129 3.83 1.76 -13.99
N ALA C 130 2.70 1.80 -13.23
CA ALA C 130 1.99 3.00 -12.94
C ALA C 130 1.13 2.91 -11.69
N ARG C 131 0.86 4.08 -11.11
CA ARG C 131 -0.19 4.23 -10.12
C ARG C 131 -1.48 4.67 -10.77
N SER C 132 -1.40 5.70 -11.62
CA SER C 132 -2.58 6.26 -12.27
C SER C 132 -2.44 6.16 -13.80
N ILE C 133 -3.58 5.98 -14.45
CA ILE C 133 -3.63 5.79 -15.92
C ILE C 133 -4.93 6.41 -16.44
N ALA C 134 -4.88 7.00 -17.63
CA ALA C 134 -6.04 7.75 -18.14
C ALA C 134 -6.31 7.43 -19.61
N ILE C 135 -7.60 7.30 -19.90
CA ILE C 135 -8.07 7.14 -21.26
C ILE C 135 -8.51 8.50 -21.75
N HIS C 136 -7.89 8.97 -22.83
CA HIS C 136 -8.19 10.24 -23.44
C HIS C 136 -8.77 10.00 -24.87
N PRO C 137 -10.10 10.01 -25.00
CA PRO C 137 -10.73 9.81 -26.27
C PRO C 137 -10.24 10.79 -27.35
N LEU C 138 -9.91 10.26 -28.52
CA LEU C 138 -9.44 11.11 -29.64
C LEU C 138 -10.48 11.22 -30.79
N THR C 139 -11.17 10.12 -31.08
CA THR C 139 -12.22 10.12 -32.06
C THR C 139 -13.39 9.25 -31.53
N TRP C 140 -14.58 9.56 -31.99
CA TRP C 140 -15.77 8.92 -31.46
C TRP C 140 -16.89 8.89 -32.52
N ASN C 141 -17.85 8.01 -32.28
CA ASN C 141 -19.08 7.91 -33.05
C ASN C 141 -20.21 8.39 -32.16
N GLY C 142 -20.87 9.47 -32.58
CA GLY C 142 -22.09 9.88 -31.86
C GLY C 142 -21.81 10.78 -30.67
N HIS C 143 -21.06 10.28 -29.69
CA HIS C 143 -20.73 11.04 -28.51
C HIS C 143 -19.51 10.35 -27.86
N ILE C 144 -18.79 11.07 -27.00
CA ILE C 144 -17.74 10.48 -26.16
C ILE C 144 -18.39 9.69 -25.04
N SER C 145 -18.58 8.40 -25.28
CA SER C 145 -19.25 7.49 -24.30
C SER C 145 -18.52 6.16 -24.31
N LEU C 146 -18.22 5.62 -23.15
CA LEU C 146 -17.46 4.35 -23.09
C LEU C 146 -17.69 3.60 -21.79
N ARG C 147 -17.38 2.31 -21.87
CA ARG C 147 -17.18 1.48 -20.70
C ARG C 147 -15.74 0.97 -20.88
N CYS C 148 -15.06 0.64 -19.79
CA CYS C 148 -13.68 0.17 -19.92
C CYS C 148 -13.27 -0.77 -18.78
N GLU C 149 -12.09 -1.36 -18.92
CA GLU C 149 -11.44 -2.13 -17.84
C GLU C 149 -9.94 -2.03 -18.06
N PHE C 150 -9.21 -2.10 -16.95
CA PHE C 150 -7.75 -2.21 -16.97
C PHE C 150 -7.40 -3.51 -16.29
N TYR C 151 -6.45 -4.25 -16.88
CA TYR C 151 -6.06 -5.56 -16.38
C TYR C 151 -4.61 -5.50 -15.89
N THR C 152 -4.41 -5.86 -14.63
CA THR C 152 -3.11 -5.76 -14.03
C THR C 152 -2.61 -7.11 -13.54
N GLN C 153 -1.29 -7.25 -13.43
CA GLN C 153 -0.78 -8.41 -12.73
C GLN C 153 -1.29 -8.38 -11.27
N PRO C 154 -1.50 -9.54 -10.68
CA PRO C 154 -1.77 -9.59 -9.26
C PRO C 154 -0.68 -8.79 -8.48
N VAL C 155 -1.07 -8.13 -7.41
CA VAL C 155 -0.11 -7.49 -6.54
C VAL C 155 0.13 -8.34 -5.29
N GLN C 156 1.29 -8.15 -4.68
CA GLN C 156 1.58 -8.75 -3.38
C GLN C 156 1.95 -7.65 -2.41
N SER C 157 1.57 -7.82 -1.14
CA SER C 157 1.66 -6.78 -0.16
C SER C 157 2.44 -7.34 1.05
N SER C 158 3.49 -6.65 1.47
CA SER C 158 4.30 -7.09 2.63
C SER C 158 4.29 -6.07 3.75
N VAL C 159 4.39 -6.54 5.00
CA VAL C 159 4.64 -5.65 6.15
C VAL C 159 5.90 -6.15 6.88
N THR C 160 6.87 -5.28 7.05
CA THR C 160 8.17 -5.70 7.60
C THR C 160 8.44 -4.96 8.90
N GLN C 161 8.98 -5.66 9.91
CA GLN C 161 9.46 -5.01 11.13
C GLN C 161 10.94 -5.38 11.34
N VAL C 162 11.77 -4.37 11.53
CA VAL C 162 13.18 -4.59 11.91
C VAL C 162 13.37 -4.46 13.42
N GLY C 163 14.06 -5.41 14.03
CA GLY C 163 14.44 -5.31 15.45
C GLY C 163 15.97 -5.39 15.57
N ALA C 164 16.56 -4.51 16.38
CA ALA C 164 18.00 -4.38 16.47
C ALA C 164 18.56 -4.95 17.77
N ASP C 165 19.72 -5.56 17.67
CA ASP C 165 20.59 -5.79 18.80
C ASP C 165 20.10 -6.79 19.84
N ILE C 166 19.57 -7.91 19.39
CA ILE C 166 19.22 -9.01 20.30
C ILE C 166 20.57 -9.56 20.79
N TYR C 167 20.75 -9.68 22.09
CA TYR C 167 22.10 -9.99 22.61
C TYR C 167 22.09 -11.13 23.62
N THR C 168 23.12 -12.00 23.57
CA THR C 168 23.27 -13.10 24.54
C THR C 168 23.47 -12.65 26.00
N GLY C 169 24.10 -11.51 26.21
CA GLY C 169 24.75 -11.25 27.50
C GLY C 169 26.25 -11.39 27.30
N ASP C 170 27.00 -10.53 27.96
CA ASP C 170 28.38 -10.81 28.32
C ASP C 170 28.58 -12.13 29.06
N ASN C 171 29.66 -12.80 28.72
CA ASN C 171 30.04 -14.06 29.36
C ASN C 171 28.85 -14.98 29.53
N CYS C 172 28.17 -15.23 28.40
CA CYS C 172 26.98 -16.02 28.41
C CYS C 172 27.28 -17.51 28.61
N ALA C 173 26.23 -18.31 28.69
CA ALA C 173 26.38 -19.74 28.96
C ALA C 173 26.92 -20.55 27.77
N LEU C 174 27.04 -19.92 26.61
CA LEU C 174 27.87 -20.47 25.54
C LEU C 174 29.38 -20.42 25.85
N ASN C 175 29.79 -19.68 26.88
CA ASN C 175 31.22 -19.48 27.20
C ASN C 175 31.76 -20.53 28.22
N THR C 176 30.96 -21.53 28.53
CA THR C 176 31.38 -22.65 29.37
C THR C 176 30.73 -23.94 28.87
N GLY C 177 31.21 -25.09 29.35
CA GLY C 177 30.67 -26.38 28.98
C GLY C 177 31.08 -26.90 27.61
N SER C 178 30.40 -27.94 27.15
CA SER C 178 30.70 -28.52 25.87
C SER C 178 29.50 -29.26 25.28
N GLY C 179 29.58 -29.57 24.00
CA GLY C 179 28.45 -30.12 23.27
C GLY C 179 27.50 -28.98 22.87
N LYS C 180 26.35 -29.35 22.33
CA LYS C 180 25.32 -28.38 21.94
C LYS C 180 24.85 -27.59 23.14
N ARG C 181 24.96 -26.28 23.03
CA ARG C 181 24.55 -25.35 24.09
C ARG C 181 23.84 -24.19 23.41
N GLU C 182 22.83 -23.65 24.08
CA GLU C 182 22.10 -22.52 23.54
C GLU C 182 21.82 -21.45 24.59
N VAL C 183 21.57 -20.24 24.11
CA VAL C 183 21.08 -19.14 24.95
C VAL C 183 19.86 -18.59 24.22
N VAL C 184 18.71 -18.62 24.90
CA VAL C 184 17.44 -18.27 24.26
C VAL C 184 17.00 -16.90 24.75
N VAL C 185 16.74 -15.97 23.83
CA VAL C 185 16.29 -14.63 24.18
C VAL C 185 14.93 -14.39 23.51
N PRO C 186 13.86 -14.27 24.32
CA PRO C 186 12.53 -14.00 23.78
C PRO C 186 12.45 -12.62 23.16
N VAL C 187 11.82 -12.58 21.99
CA VAL C 187 11.68 -11.32 21.25
C VAL C 187 10.18 -11.12 21.00
N LYS C 188 9.71 -9.93 21.30
CA LYS C 188 8.36 -9.55 21.02
C LYS C 188 8.33 -8.46 19.97
N PHE C 189 7.56 -8.64 18.89
CA PHE C 189 7.42 -7.60 17.86
C PHE C 189 6.74 -6.35 18.42
N GLN C 190 7.13 -5.19 17.90
CA GLN C 190 6.53 -3.92 18.32
C GLN C 190 5.02 -3.99 18.16
N PHE C 191 4.55 -4.63 17.08
CA PHE C 191 3.11 -4.86 16.87
C PHE C 191 2.89 -6.26 16.31
N GLU C 192 1.70 -6.81 16.55
CA GLU C 192 1.35 -8.10 16.08
C GLU C 192 1.07 -8.06 14.60
N PHE C 193 1.64 -9.01 13.87
CA PHE C 193 1.43 -9.14 12.43
C PHE C 193 0.02 -9.72 12.16
N ALA C 194 -0.56 -9.38 11.03
CA ALA C 194 -1.84 -9.96 10.60
C ALA C 194 -1.81 -11.43 10.18
N THR C 195 -0.70 -11.85 9.57
CA THR C 195 -0.44 -13.22 9.22
C THR C 195 0.99 -13.62 9.65
N LEU C 196 1.33 -14.92 9.56
CA LEU C 196 2.59 -15.43 10.11
C LEU C 196 3.79 -14.90 9.34
N PRO C 197 4.74 -14.29 10.06
CA PRO C 197 5.91 -13.74 9.34
C PRO C 197 6.99 -14.80 9.13
N LYS C 198 7.88 -14.55 8.17
CA LYS C 198 9.19 -15.24 8.09
C LYS C 198 10.25 -14.29 8.65
N VAL C 199 11.24 -14.84 9.37
CA VAL C 199 12.21 -14.08 10.12
C VAL C 199 13.64 -14.39 9.61
N ALA C 200 14.36 -13.36 9.18
CA ALA C 200 15.81 -13.42 8.99
C ALA C 200 16.50 -12.95 10.27
N LEU C 201 17.53 -13.64 10.70
CA LEU C 201 18.14 -13.29 11.98
C LEU C 201 19.65 -13.50 11.84
N ASN C 202 20.42 -12.42 11.82
CA ASN C 202 21.82 -12.52 11.40
C ASN C 202 22.75 -11.78 12.32
N PHE C 203 24.03 -12.17 12.33
CA PHE C 203 25.02 -11.57 13.25
C PHE C 203 25.44 -10.14 12.96
N ASP C 204 25.56 -9.34 14.01
CA ASP C 204 26.24 -8.04 13.92
C ASP C 204 27.41 -7.91 14.92
N GLN C 205 27.57 -8.83 15.85
CA GLN C 205 28.71 -8.78 16.79
C GLN C 205 29.08 -10.18 17.31
N ILE C 206 30.35 -10.53 17.19
CA ILE C 206 30.83 -11.85 17.52
C ILE C 206 32.07 -11.74 18.42
N ASP C 207 32.02 -12.43 19.54
CA ASP C 207 33.09 -12.48 20.53
C ASP C 207 33.21 -13.96 20.97
N CYS C 208 34.16 -14.66 20.36
CA CYS C 208 34.25 -16.11 20.54
C CYS C 208 35.66 -16.69 20.39
N THR C 209 35.83 -17.86 20.99
CA THR C 209 37.12 -18.56 20.96
C THR C 209 37.07 -19.78 20.04
N ASP C 210 38.09 -19.98 19.21
CA ASP C 210 38.18 -21.16 18.36
C ASP C 210 38.47 -22.39 19.23
N ALA C 211 38.15 -23.55 18.68
CA ALA C 211 38.49 -24.83 19.29
C ALA C 211 39.21 -25.66 18.22
N THR C 212 40.49 -25.96 18.46
CA THR C 212 41.39 -26.49 17.43
C THR C 212 41.20 -25.76 16.13
N ASN C 213 41.29 -24.45 16.19
CA ASN C 213 41.25 -23.60 15.02
C ASN C 213 39.90 -23.47 14.34
N GLN C 214 38.88 -24.12 14.90
CA GLN C 214 37.52 -24.11 14.33
C GLN C 214 36.63 -23.09 15.02
N THR C 215 35.95 -22.27 14.20
CA THR C 215 34.89 -21.38 14.69
C THR C 215 33.52 -22.07 14.49
N ARG C 216 32.67 -22.02 15.51
CA ARG C 216 31.38 -22.69 15.48
C ARG C 216 30.36 -21.80 16.16
N ILE C 217 29.55 -21.08 15.37
CA ILE C 217 28.54 -20.17 15.96
C ILE C 217 27.26 -20.20 15.11
N GLY C 218 26.12 -20.12 15.80
CA GLY C 218 24.82 -20.06 15.15
C GLY C 218 23.80 -19.19 15.89
N VAL C 219 22.81 -18.71 15.12
CA VAL C 219 21.64 -18.00 15.69
C VAL C 219 20.42 -18.34 14.80
N GLN C 220 19.30 -18.69 15.41
CA GLN C 220 18.13 -19.11 14.66
C GLN C 220 16.84 -18.79 15.43
N PRO C 221 15.81 -18.33 14.71
CA PRO C 221 14.52 -18.21 15.40
C PRO C 221 13.87 -19.57 15.67
N ARG C 222 13.10 -19.59 16.75
CA ARG C 222 12.29 -20.72 17.10
C ARG C 222 10.95 -20.19 17.58
N ASN C 223 9.93 -21.01 17.40
CA ASN C 223 8.56 -20.68 17.85
C ASN C 223 8.08 -19.32 17.30
N ILE C 224 8.26 -19.09 16.00
CA ILE C 224 7.74 -17.86 15.39
C ILE C 224 6.21 -17.82 15.47
N THR C 225 5.68 -16.72 16.01
CA THR C 225 4.23 -16.43 16.00
C THR C 225 4.01 -15.05 15.40
N THR C 226 2.74 -14.65 15.27
CA THR C 226 2.45 -13.29 14.85
C THR C 226 2.94 -12.23 15.84
N LYS C 227 3.16 -12.62 17.11
CA LYS C 227 3.56 -11.69 18.15
C LYS C 227 5.06 -11.55 18.45
N GLY C 228 5.81 -12.61 18.17
CA GLY C 228 7.24 -12.63 18.44
C GLY C 228 7.82 -13.99 18.16
N PHE C 229 9.03 -14.22 18.69
CA PHE C 229 9.75 -15.48 18.46
C PHE C 229 10.82 -15.61 19.52
N ASP C 230 11.44 -16.79 19.60
CA ASP C 230 12.57 -17.02 20.47
C ASP C 230 13.86 -16.93 19.65
N CYS C 231 14.74 -16.02 20.02
CA CYS C 231 16.05 -15.92 19.36
C CYS C 231 17.02 -16.89 20.01
N VAL C 232 17.40 -17.95 19.28
CA VAL C 232 18.26 -18.99 19.83
C VAL C 232 19.68 -18.84 19.30
N PHE C 233 20.56 -18.35 20.15
CA PHE C 233 22.00 -18.32 19.88
C PHE C 233 22.61 -19.66 20.30
N TYR C 234 23.55 -20.22 19.52
CA TYR C 234 24.07 -21.55 19.87
C TYR C 234 25.50 -21.80 19.43
N THR C 235 26.16 -22.74 20.10
CA THR C 235 27.43 -23.25 19.63
C THR C 235 27.42 -24.76 19.92
N TRP C 236 28.49 -25.45 19.52
CA TRP C 236 28.56 -26.89 19.69
C TRP C 236 30.03 -27.31 19.80
N ASN C 237 30.27 -28.61 19.92
CA ASN C 237 31.60 -29.13 20.16
C ASN C 237 32.19 -28.46 21.42
N GLU C 238 33.48 -28.17 21.43
CA GLU C 238 34.13 -27.60 22.64
C GLU C 238 34.23 -26.07 22.63
N ASN C 239 33.68 -25.43 21.59
CA ASN C 239 33.83 -23.99 21.48
C ASN C 239 33.26 -23.23 22.63
N LYS C 240 33.98 -22.19 23.00
CA LYS C 240 33.53 -21.25 24.03
C LYS C 240 33.20 -19.90 23.38
N VAL C 241 31.97 -19.46 23.53
CA VAL C 241 31.54 -18.19 22.95
C VAL C 241 31.13 -17.23 24.07
N TYR C 242 31.81 -16.10 24.11
CA TYR C 242 31.64 -15.11 25.17
C TYR C 242 30.32 -14.38 24.99
N SER C 243 30.10 -13.84 23.78
CA SER C 243 28.84 -13.16 23.47
C SER C 243 28.53 -13.21 21.98
N LEU C 244 27.23 -13.03 21.66
CA LEU C 244 26.78 -12.91 20.26
C LEU C 244 25.62 -11.94 20.21
N ARG C 245 25.62 -11.12 19.15
CA ARG C 245 24.51 -10.17 18.92
C ARG C 245 23.99 -10.35 17.50
N ALA C 246 22.67 -10.28 17.36
CA ALA C 246 22.00 -10.40 16.06
C ALA C 246 20.94 -9.25 15.84
N ASP C 247 20.69 -8.95 14.58
CA ASP C 247 19.56 -8.08 14.19
C ASP C 247 18.55 -8.94 13.43
N TYR C 248 17.25 -8.61 13.54
CA TYR C 248 16.26 -9.43 12.84
C TYR C 248 15.41 -8.58 11.89
N ILE C 249 14.92 -9.24 10.85
CA ILE C 249 13.99 -8.67 9.87
C ILE C 249 12.85 -9.72 9.74
N ALA C 250 11.65 -9.32 10.16
CA ALA C 250 10.47 -10.16 10.08
C ALA C 250 9.48 -9.54 9.06
N THR C 251 8.99 -10.36 8.12
CA THR C 251 8.09 -9.91 7.08
C THR C 251 6.90 -10.86 6.98
N ALA C 252 5.70 -10.29 6.95
CA ALA C 252 4.47 -11.05 6.71
C ALA C 252 3.83 -10.62 5.35
N LEU C 253 3.23 -11.57 4.65
CA LEU C 253 2.72 -11.38 3.28
C LEU C 253 1.18 -11.42 3.25
N GLU C 254 0.62 -10.56 2.41
CA GLU C 254 -0.82 -10.48 2.19
C GLU C 254 -1.62 -10.28 3.48
#